data_3K8E
#
_entry.id   3K8E
#
_cell.length_a   124.470
_cell.length_b   77.180
_cell.length_c   143.630
_cell.angle_alpha   90.00
_cell.angle_beta   90.03
_cell.angle_gamma   90.00
#
_symmetry.space_group_name_H-M   'C 1 2 1'
#
loop_
_entity.id
_entity.type
_entity.pdbx_description
1 polymer '3-deoxy-manno-octulosonate cytidylyltransferase'
2 water water
#
_entity_poly.entity_id   1
_entity_poly.type   'polypeptide(L)'
_entity_poly.pdbx_seq_one_letter_code
;HHHHHHSSGLVPRGSHMSFVVIIPARYASTRLPGKPLVDINGKPMIVHVLERARESGAERIIVATDHEDVARAVEAAGGE
VCMTRADHQSGTERLAEVVEKCAFSDDTVIVNVQGDEPMIPATIIRQVADNLAQRQVGMATLAVPIHNAEEAFNPNAVKV
VLDAEGYALYFSRATIPWDRDRFAEGLETVGDNFLRHLGIYGYRAGFIRRYVNWQPSPLEHIEMLEQLRVLWYGEKIHVA
VAQEVPGTGVDTPEDLERVRAEMR
;
_entity_poly.pdbx_strand_id   C,D,A,B
#
# COMPACT_ATOMS: atom_id res chain seq x y z
N SER A 18 23.14 9.23 12.01
CA SER A 18 21.93 8.45 12.12
C SER A 18 22.13 6.96 11.83
N PHE A 19 22.19 6.37 10.73
CA PHE A 19 22.24 4.92 10.56
C PHE A 19 23.15 4.29 9.51
N VAL A 20 23.47 3.01 9.73
CA VAL A 20 24.42 2.22 8.97
C VAL A 20 23.64 1.01 8.43
N VAL A 21 23.87 0.63 7.16
CA VAL A 21 23.23 -0.57 6.56
C VAL A 21 24.27 -1.68 6.40
N ILE A 22 23.95 -2.89 6.85
CA ILE A 22 24.81 -4.06 6.64
C ILE A 22 24.04 -5.13 5.87
N ILE A 23 24.62 -5.59 4.76
CA ILE A 23 24.00 -6.56 3.88
C ILE A 23 24.81 -7.83 3.92
N PRO A 24 24.30 -8.85 4.63
CA PRO A 24 24.96 -10.13 4.62
C PRO A 24 24.58 -10.92 3.38
N ALA A 25 25.39 -10.79 2.33
CA ALA A 25 25.23 -11.54 1.12
C ALA A 25 25.44 -13.04 1.33
N ARG A 26 24.37 -13.83 1.24
CA ARG A 26 24.45 -15.31 1.28
C ARG A 26 24.94 -15.85 -0.07
N TYR A 27 26.09 -16.49 -0.09
CA TYR A 27 26.63 -17.00 -1.35
C TYR A 27 25.98 -18.31 -1.81
N ALA A 28 26.23 -19.39 -1.09
CA ALA A 28 25.82 -20.74 -1.55
C ALA A 28 24.31 -20.95 -1.40
N SER A 29 23.61 -20.97 -2.53
CA SER A 29 22.20 -21.37 -2.58
C SER A 29 22.04 -22.43 -3.64
N THR A 30 21.27 -23.48 -3.31
CA THR A 30 20.77 -24.38 -4.34
C THR A 30 19.73 -23.58 -5.12
N ARG A 31 19.74 -23.71 -6.44
CA ARG A 31 18.69 -23.14 -7.32
C ARG A 31 18.85 -21.63 -7.62
N LEU A 32 19.77 -20.95 -6.93
CA LEU A 32 20.43 -19.77 -7.49
C LEU A 32 21.86 -20.23 -7.75
N PRO A 33 22.76 -20.03 -6.77
CA PRO A 33 24.14 -20.50 -6.79
C PRO A 33 25.06 -19.40 -7.29
N GLY A 34 25.92 -18.90 -6.40
CA GLY A 34 26.64 -17.67 -6.62
C GLY A 34 25.64 -16.54 -6.63
N LYS A 35 24.71 -16.61 -5.68
CA LYS A 35 23.52 -15.74 -5.65
C LYS A 35 23.86 -14.24 -5.79
N PRO A 36 24.65 -13.68 -4.87
CA PRO A 36 24.88 -12.24 -4.92
C PRO A 36 25.41 -11.73 -6.26
N LEU A 37 26.06 -12.61 -7.02
CA LEU A 37 26.72 -12.22 -8.26
C LEU A 37 25.88 -12.46 -9.52
N VAL A 38 24.62 -12.86 -9.35
CA VAL A 38 23.77 -13.13 -10.52
C VAL A 38 23.48 -11.80 -11.22
N ASP A 39 23.84 -11.72 -12.50
CA ASP A 39 23.66 -10.51 -13.32
C ASP A 39 22.20 -10.09 -13.46
N ILE A 40 21.91 -8.81 -13.22
CA ILE A 40 20.60 -8.21 -13.51
C ILE A 40 20.80 -6.94 -14.33
N ASN A 41 20.90 -7.10 -15.65
CA ASN A 41 21.04 -5.99 -16.57
C ASN A 41 22.36 -5.22 -16.40
N GLY A 42 23.47 -5.95 -16.44
CA GLY A 42 24.81 -5.34 -16.41
C GLY A 42 25.39 -5.10 -15.03
N LYS A 43 24.65 -5.48 -13.98
CA LYS A 43 25.14 -5.36 -12.62
C LYS A 43 24.71 -6.58 -11.82
N PRO A 44 25.56 -7.03 -10.88
CA PRO A 44 25.16 -8.15 -10.03
C PRO A 44 24.17 -7.71 -8.95
N MET A 45 23.30 -8.63 -8.55
CA MET A 45 22.27 -8.39 -7.56
C MET A 45 22.74 -7.62 -6.34
N ILE A 46 23.90 -8.01 -5.80
CA ILE A 46 24.43 -7.37 -4.62
C ILE A 46 24.63 -5.85 -4.85
N VAL A 47 25.14 -5.48 -6.02
CA VAL A 47 25.36 -4.07 -6.33
C VAL A 47 24.01 -3.32 -6.37
N HIS A 48 22.99 -3.95 -6.95
CA HIS A 48 21.66 -3.36 -6.93
C HIS A 48 21.23 -3.07 -5.51
N VAL A 49 21.41 -4.03 -4.59
CA VAL A 49 20.95 -3.85 -3.21
C VAL A 49 21.74 -2.70 -2.55
N LEU A 50 23.02 -2.62 -2.89
CA LEU A 50 23.88 -1.51 -2.46
C LEU A 50 23.35 -0.16 -2.94
N GLU A 51 22.84 -0.08 -4.18
CA GLU A 51 22.27 1.17 -4.70
C GLU A 51 21.06 1.60 -3.86
N ARG A 52 20.13 0.68 -3.64
CA ARG A 52 18.97 0.93 -2.77
C ARG A 52 19.38 1.45 -1.41
N ALA A 53 20.41 0.83 -0.82
CA ALA A 53 20.88 1.22 0.51
C ALA A 53 21.50 2.64 0.55
N ARG A 54 22.20 3.04 -0.50
CA ARG A 54 22.75 4.42 -0.56
C ARG A 54 21.66 5.45 -0.52
N GLU A 55 20.60 5.18 -1.29
CA GLU A 55 19.47 6.08 -1.40
C GLU A 55 18.79 6.36 -0.05
N SER A 56 18.93 5.47 0.92
CA SER A 56 18.25 5.66 2.20
C SER A 56 18.90 6.72 3.10
N GLY A 57 20.07 7.22 2.72
CA GLY A 57 20.82 8.16 3.55
C GLY A 57 21.67 7.49 4.63
N ALA A 58 21.88 6.19 4.52
CA ALA A 58 22.77 5.49 5.44
C ALA A 58 24.14 6.14 5.36
N GLU A 59 24.79 6.33 6.50
CA GLU A 59 26.10 6.97 6.49
C GLU A 59 27.18 5.93 6.17
N ARG A 60 26.80 4.65 6.17
CA ARG A 60 27.68 3.57 5.77
C ARG A 60 26.87 2.38 5.29
N ILE A 61 27.35 1.73 4.23
CA ILE A 61 26.70 0.55 3.65
C ILE A 61 27.74 -0.53 3.47
N ILE A 62 27.73 -1.53 4.33
CA ILE A 62 28.76 -2.58 4.31
C ILE A 62 28.16 -3.89 3.82
N VAL A 63 28.75 -4.48 2.78
CA VAL A 63 28.43 -5.86 2.40
C VAL A 63 29.38 -6.82 3.14
N ALA A 64 28.81 -7.77 3.85
CA ALA A 64 29.56 -8.77 4.63
C ALA A 64 29.58 -10.07 3.85
N THR A 65 30.78 -10.61 3.64
CA THR A 65 30.97 -11.76 2.76
C THR A 65 32.24 -12.48 3.14
N ASP A 66 32.31 -13.76 2.78
CA ASP A 66 33.53 -14.54 2.90
C ASP A 66 34.09 -14.93 1.52
N HIS A 67 33.63 -14.26 0.46
CA HIS A 67 34.01 -14.62 -0.91
C HIS A 67 34.64 -13.44 -1.62
N GLU A 68 35.81 -13.70 -2.21
CA GLU A 68 36.60 -12.67 -2.84
C GLU A 68 35.91 -12.16 -4.09
N ASP A 69 35.27 -13.05 -4.86
CA ASP A 69 34.58 -12.60 -6.06
C ASP A 69 33.47 -11.60 -5.72
N VAL A 70 32.73 -11.85 -4.65
CA VAL A 70 31.72 -10.88 -4.18
C VAL A 70 32.39 -9.57 -3.74
N ALA A 71 33.43 -9.67 -2.93
CA ALA A 71 34.21 -8.50 -2.48
C ALA A 71 34.61 -7.60 -3.65
N ARG A 72 35.25 -8.15 -4.66
CA ARG A 72 35.71 -7.37 -5.79
C ARG A 72 34.57 -6.73 -6.60
N ALA A 73 33.45 -7.42 -6.73
CA ALA A 73 32.31 -6.90 -7.46
C ALA A 73 31.71 -5.73 -6.70
N VAL A 74 31.63 -5.83 -5.37
CA VAL A 74 31.12 -4.73 -4.59
C VAL A 74 32.11 -3.54 -4.58
N GLU A 75 33.40 -3.85 -4.45
CA GLU A 75 34.42 -2.82 -4.40
C GLU A 75 34.57 -2.07 -5.74
N ALA A 76 34.33 -2.75 -6.88
CA ALA A 76 34.46 -2.10 -8.19
C ALA A 76 33.41 -1.00 -8.37
N ALA A 77 32.25 -1.18 -7.73
CA ALA A 77 31.14 -0.22 -7.73
C ALA A 77 31.29 0.79 -6.59
N GLY A 78 32.41 0.77 -5.87
CA GLY A 78 32.66 1.77 -4.83
C GLY A 78 32.04 1.42 -3.50
N GLY A 79 31.70 0.16 -3.29
CA GLY A 79 31.03 -0.26 -2.09
C GLY A 79 32.01 -0.78 -1.06
N GLU A 80 31.69 -0.53 0.21
CA GLU A 80 32.54 -0.97 1.30
C GLU A 80 32.27 -2.44 1.60
N VAL A 81 33.33 -3.19 1.86
CA VAL A 81 33.26 -4.61 2.17
C VAL A 81 33.92 -4.93 3.50
N CYS A 82 33.30 -5.84 4.24
CA CYS A 82 33.90 -6.38 5.44
C CYS A 82 33.92 -7.89 5.32
N MET A 83 35.12 -8.45 5.21
CA MET A 83 35.28 -9.89 5.11
C MET A 83 34.91 -10.50 6.47
N THR A 84 34.19 -11.62 6.41
CA THR A 84 33.70 -12.32 7.61
C THR A 84 34.11 -13.79 7.52
N ARG A 85 34.02 -14.50 8.63
CA ARG A 85 34.52 -15.89 8.71
C ARG A 85 33.92 -16.90 7.74
N ALA A 86 34.77 -17.82 7.30
CA ALA A 86 34.39 -18.95 6.45
C ALA A 86 33.63 -20.04 7.23
N ASP A 87 33.92 -20.17 8.54
CA ASP A 87 33.03 -20.93 9.44
C ASP A 87 31.62 -20.39 9.26
N HIS A 88 30.64 -21.29 9.14
CA HIS A 88 29.26 -20.88 8.84
C HIS A 88 28.66 -19.95 9.92
N GLN A 89 27.98 -18.91 9.47
CA GLN A 89 27.36 -17.98 10.37
C GLN A 89 25.95 -17.63 9.87
N SER A 90 25.01 -17.50 10.80
CA SER A 90 23.73 -16.88 10.47
C SER A 90 23.97 -15.44 10.00
N GLY A 91 22.94 -14.84 9.42
CA GLY A 91 23.03 -13.48 8.93
C GLY A 91 23.34 -12.57 10.08
N THR A 92 22.66 -12.76 11.20
CA THR A 92 22.88 -11.93 12.40
C THR A 92 24.30 -12.07 12.97
N GLU A 93 24.77 -13.31 13.05
CA GLU A 93 26.09 -13.59 13.58
C GLU A 93 27.12 -12.88 12.70
N ARG A 94 26.79 -12.75 11.44
CA ARG A 94 27.70 -12.15 10.49
C ARG A 94 27.67 -10.62 10.60
N LEU A 95 26.51 -10.06 10.91
CA LEU A 95 26.44 -8.65 11.28
C LEU A 95 27.27 -8.37 12.53
N ALA A 96 27.17 -9.23 13.53
CA ALA A 96 27.87 -8.98 14.78
C ALA A 96 29.38 -8.99 14.54
N GLU A 97 29.86 -9.86 13.64
CA GLU A 97 31.28 -9.76 13.25
C GLU A 97 31.59 -8.38 12.64
N VAL A 98 30.73 -7.88 11.78
CA VAL A 98 31.01 -6.60 11.13
C VAL A 98 31.08 -5.50 12.16
N VAL A 99 30.13 -5.51 13.09
CA VAL A 99 30.11 -4.58 14.21
C VAL A 99 31.42 -4.60 15.01
N GLU A 100 31.84 -5.79 15.45
CA GLU A 100 33.15 -5.97 16.09
C GLU A 100 34.25 -5.36 15.19
N LYS A 101 34.29 -5.73 13.91
CA LYS A 101 35.42 -5.33 13.04
C LYS A 101 35.42 -3.85 12.66
N CYS A 102 34.25 -3.26 12.48
CA CYS A 102 34.19 -1.86 12.15
C CYS A 102 34.23 -0.94 13.35
N ALA A 103 34.12 -1.53 14.54
CA ALA A 103 34.25 -0.79 15.79
C ALA A 103 33.21 0.32 15.92
N PHE A 104 31.97 0.00 15.57
CA PHE A 104 30.86 0.92 15.84
C PHE A 104 30.59 0.98 17.34
N SER A 105 30.25 2.17 17.82
CA SER A 105 29.85 2.33 19.20
C SER A 105 28.50 1.67 19.40
N ASP A 106 28.22 1.31 20.65
CA ASP A 106 27.03 0.55 21.01
C ASP A 106 25.72 1.19 20.58
N ASP A 107 25.63 2.53 20.63
CA ASP A 107 24.37 3.18 20.25
C ASP A 107 24.17 3.38 18.74
N THR A 108 25.06 2.83 17.89
CA THR A 108 24.90 2.97 16.45
C THR A 108 23.70 2.17 15.96
N VAL A 109 22.90 2.78 15.10
CA VAL A 109 21.70 2.15 14.57
C VAL A 109 22.04 1.43 13.27
N ILE A 110 21.80 0.11 13.27
CA ILE A 110 22.11 -0.78 12.16
C ILE A 110 20.82 -1.29 11.52
N VAL A 111 20.73 -1.22 10.20
CA VAL A 111 19.66 -1.93 9.50
C VAL A 111 20.24 -3.13 8.74
N ASN A 112 19.71 -4.30 9.02
CA ASN A 112 20.00 -5.52 8.28
C ASN A 112 19.07 -5.65 7.08
N VAL A 113 19.63 -5.47 5.89
CA VAL A 113 18.91 -5.58 4.62
C VAL A 113 19.41 -6.84 3.94
N GLN A 114 18.50 -7.70 3.51
CA GLN A 114 18.89 -8.94 2.85
C GLN A 114 19.49 -8.66 1.50
N GLY A 115 20.28 -9.62 1.01
CA GLY A 115 21.07 -9.46 -0.22
C GLY A 115 20.39 -9.99 -1.48
N ASP A 116 19.14 -10.39 -1.35
CA ASP A 116 18.35 -10.86 -2.47
C ASP A 116 17.17 -9.91 -2.73
N GLU A 117 17.37 -8.63 -2.45
CA GLU A 117 16.31 -7.64 -2.60
C GLU A 117 16.75 -6.42 -3.39
N PRO A 118 16.99 -6.60 -4.70
CA PRO A 118 17.49 -5.55 -5.58
C PRO A 118 16.49 -4.41 -5.82
N MET A 119 15.21 -4.65 -5.54
CA MET A 119 14.17 -3.63 -5.77
C MET A 119 13.66 -3.00 -4.47
N ILE A 120 14.30 -3.28 -3.33
CA ILE A 120 13.79 -2.78 -2.05
C ILE A 120 13.73 -1.25 -2.01
N PRO A 121 12.55 -0.67 -1.73
CA PRO A 121 12.43 0.79 -1.65
C PRO A 121 13.30 1.41 -0.56
N ALA A 122 13.99 2.48 -0.88
CA ALA A 122 14.87 3.12 0.08
C ALA A 122 14.07 3.64 1.28
N THR A 123 12.85 4.11 1.03
CA THR A 123 12.02 4.65 2.12
C THR A 123 11.77 3.63 3.23
N ILE A 124 11.59 2.35 2.88
CA ILE A 124 11.32 1.36 3.94
C ILE A 124 12.57 1.02 4.76
N ILE A 125 13.76 1.16 4.18
CA ILE A 125 15.00 1.06 4.95
C ILE A 125 15.07 2.17 5.98
N ARG A 126 14.75 3.40 5.57
CA ARG A 126 14.75 4.53 6.49
C ARG A 126 13.61 4.42 7.53
N GLN A 127 12.49 3.82 7.13
CA GLN A 127 11.39 3.63 8.05
C GLN A 127 11.84 2.77 9.26
N VAL A 128 12.54 1.69 9.01
CA VAL A 128 12.98 0.81 10.09
C VAL A 128 14.00 1.49 11.01
N ALA A 129 14.89 2.30 10.45
CA ALA A 129 15.91 3.00 11.25
C ALA A 129 15.26 4.01 12.18
N ASP A 130 14.37 4.83 11.62
CA ASP A 130 13.63 5.83 12.39
C ASP A 130 12.79 5.15 13.48
N ASN A 131 12.12 4.05 13.14
CA ASN A 131 11.33 3.28 14.11
C ASN A 131 12.14 2.76 15.30
N LEU A 132 13.37 2.34 15.03
CA LEU A 132 14.20 1.85 16.11
C LEU A 132 14.64 3.06 16.95
N ALA A 133 15.07 4.12 16.27
CA ALA A 133 15.61 5.33 16.91
C ALA A 133 14.64 5.98 17.88
N GLN A 134 13.36 6.06 17.49
CA GLN A 134 12.30 6.59 18.36
C GLN A 134 12.14 5.75 19.64
N ARG A 135 11.68 4.52 19.48
CA ARG A 135 11.50 3.60 20.59
C ARG A 135 12.81 3.25 21.30
N GLN A 136 12.67 2.61 22.44
CA GLN A 136 13.81 2.09 23.19
C GLN A 136 13.60 0.59 23.26
N VAL A 137 13.57 -0.04 22.08
CA VAL A 137 13.22 -1.46 21.90
C VAL A 137 14.44 -2.27 21.42
N GLY A 138 14.44 -3.58 21.67
CA GLY A 138 15.47 -4.48 21.10
C GLY A 138 15.58 -4.36 19.57
N MET A 139 14.47 -4.62 18.89
CA MET A 139 14.45 -4.72 17.44
C MET A 139 13.29 -3.93 16.87
N ALA A 140 13.46 -3.42 15.65
CA ALA A 140 12.34 -2.93 14.83
C ALA A 140 12.30 -3.79 13.57
N THR A 141 11.12 -3.96 12.99
CA THR A 141 10.98 -4.73 11.76
C THR A 141 9.72 -4.31 11.00
N LEU A 142 9.41 -5.01 9.92
CA LEU A 142 8.32 -4.60 9.00
C LEU A 142 7.39 -5.75 8.67
N ALA A 143 6.15 -5.39 8.30
CA ALA A 143 5.14 -6.35 7.85
C ALA A 143 4.31 -5.81 6.70
N VAL A 144 3.66 -6.72 5.98
CA VAL A 144 2.74 -6.39 4.87
C VAL A 144 1.50 -7.25 4.94
N PRO A 145 0.35 -6.72 4.50
CA PRO A 145 -0.89 -7.48 4.64
C PRO A 145 -0.96 -8.69 3.71
N ILE A 146 -1.68 -9.72 4.13
CA ILE A 146 -1.88 -10.94 3.34
C ILE A 146 -3.24 -10.91 2.66
N HIS A 147 -3.29 -11.22 1.37
CA HIS A 147 -4.53 -11.15 0.61
C HIS A 147 -5.16 -12.51 0.30
N ASN A 148 -4.35 -13.54 0.12
CA ASN A 148 -4.86 -14.86 -0.31
C ASN A 148 -4.93 -15.82 0.86
N ALA A 149 -5.96 -16.67 0.86
CA ALA A 149 -6.07 -17.77 1.81
C ALA A 149 -4.89 -18.74 1.67
N GLU A 150 -4.40 -18.90 0.43
CA GLU A 150 -3.25 -19.75 0.14
C GLU A 150 -2.05 -19.32 0.97
N GLU A 151 -1.81 -18.01 0.97
CA GLU A 151 -0.67 -17.43 1.65
C GLU A 151 -0.88 -17.48 3.18
N ALA A 152 -2.09 -17.17 3.62
CA ALA A 152 -2.46 -17.32 5.02
C ALA A 152 -2.08 -18.69 5.56
N PHE A 153 -2.27 -19.72 4.73
CA PHE A 153 -2.07 -21.10 5.16
C PHE A 153 -0.74 -21.69 4.70
N ASN A 154 0.09 -20.82 4.11
CA ASN A 154 1.43 -21.16 3.66
C ASN A 154 2.43 -21.08 4.83
N PRO A 155 3.00 -22.24 5.23
CA PRO A 155 3.97 -22.25 6.32
C PRO A 155 5.27 -21.52 5.99
N ASN A 156 5.52 -21.24 4.70
CA ASN A 156 6.67 -20.42 4.29
C ASN A 156 6.43 -18.92 4.40
N ALA A 157 5.21 -18.54 4.78
CA ALA A 157 4.85 -17.15 5.00
C ALA A 157 4.72 -16.94 6.51
N VAL A 158 5.63 -16.19 7.08
CA VAL A 158 5.65 -16.00 8.52
C VAL A 158 4.60 -14.95 8.91
N LYS A 159 3.69 -15.28 9.82
CA LYS A 159 2.67 -14.35 10.25
C LYS A 159 3.11 -13.68 11.54
N VAL A 160 2.52 -12.54 11.83
CA VAL A 160 2.81 -11.81 13.04
C VAL A 160 1.52 -11.16 13.51
N VAL A 161 1.27 -11.23 14.81
CA VAL A 161 0.13 -10.54 15.39
C VAL A 161 0.64 -9.50 16.40
N LEU A 162 0.08 -8.30 16.31
CA LEU A 162 0.58 -7.15 17.06
C LEU A 162 -0.30 -6.77 18.23
N ASP A 163 0.29 -6.05 19.17
CA ASP A 163 -0.46 -5.43 20.25
C ASP A 163 -0.84 -4.03 19.78
N ALA A 164 -1.50 -3.25 20.66
CA ALA A 164 -2.07 -1.99 20.23
C ALA A 164 -1.00 -0.98 19.82
N GLU A 165 0.21 -1.11 20.34
CA GLU A 165 1.27 -0.17 19.98
C GLU A 165 2.17 -0.67 18.86
N GLY A 166 1.80 -1.78 18.24
CA GLY A 166 2.53 -2.32 17.08
C GLY A 166 3.67 -3.26 17.42
N TYR A 167 3.76 -3.70 18.68
CA TYR A 167 4.81 -4.64 19.11
C TYR A 167 4.33 -6.09 18.84
N ALA A 168 5.24 -6.95 18.39
CA ALA A 168 4.85 -8.31 18.05
C ALA A 168 4.48 -9.03 19.33
N LEU A 169 3.36 -9.72 19.32
CA LEU A 169 3.01 -10.65 20.37
C LEU A 169 3.70 -11.98 20.09
N TYR A 170 3.72 -12.38 18.81
CA TYR A 170 4.23 -13.68 18.40
C TYR A 170 4.41 -13.70 16.88
N PHE A 171 5.45 -14.38 16.40
CA PHE A 171 5.61 -14.68 14.98
C PHE A 171 5.38 -16.18 14.83
N SER A 172 4.85 -16.61 13.68
CA SER A 172 4.58 -18.04 13.47
C SER A 172 4.29 -18.44 12.04
N ARG A 173 4.66 -19.66 11.68
CA ARG A 173 4.31 -20.23 10.40
C ARG A 173 2.86 -20.76 10.41
N ALA A 174 2.27 -20.91 11.59
CA ALA A 174 0.86 -21.28 11.71
C ALA A 174 -0.01 -20.08 11.35
N THR A 175 -1.28 -20.33 11.00
CA THR A 175 -2.18 -19.29 10.53
C THR A 175 -2.70 -18.48 11.71
N ILE A 176 -1.93 -17.49 12.16
CA ILE A 176 -2.34 -16.64 13.27
C ILE A 176 -2.61 -15.23 12.78
N PRO A 177 -3.62 -14.56 13.34
CA PRO A 177 -4.59 -15.07 14.31
C PRO A 177 -5.66 -15.96 13.67
N TRP A 178 -6.11 -16.97 14.41
CA TRP A 178 -7.14 -17.87 13.95
C TRP A 178 -8.47 -17.16 13.95
N ASP A 179 -9.14 -17.19 12.81
CA ASP A 179 -10.48 -16.64 12.67
C ASP A 179 -11.47 -17.79 12.89
N ARG A 180 -11.89 -17.99 14.13
CA ARG A 180 -12.62 -19.21 14.50
C ARG A 180 -13.99 -19.35 13.84
N ASP A 181 -14.78 -18.28 13.77
CA ASP A 181 -16.11 -18.38 13.15
C ASP A 181 -16.00 -18.64 11.65
N ARG A 182 -15.05 -17.97 11.02
CA ARG A 182 -14.79 -18.14 9.60
C ARG A 182 -14.25 -19.54 9.28
N PHE A 183 -13.23 -19.97 10.02
CA PHE A 183 -12.60 -21.28 9.77
C PHE A 183 -13.39 -22.50 10.28
N ALA A 184 -14.44 -22.27 11.07
CA ALA A 184 -15.37 -23.33 11.44
C ALA A 184 -16.19 -23.77 10.21
N GLU A 185 -16.40 -22.83 9.29
CA GLU A 185 -17.13 -23.07 8.06
C GLU A 185 -16.23 -23.59 6.94
N GLY A 186 -15.02 -23.01 6.82
CA GLY A 186 -14.05 -23.45 5.82
C GLY A 186 -12.71 -22.74 5.90
N LEU A 187 -11.68 -23.37 5.35
CA LEU A 187 -10.38 -22.75 5.25
C LEU A 187 -10.20 -21.97 3.94
N GLU A 188 -11.26 -21.95 3.13
CA GLU A 188 -11.23 -21.39 1.77
C GLU A 188 -10.94 -19.89 1.70
N THR A 189 -11.36 -19.14 2.72
CA THR A 189 -11.39 -17.68 2.65
C THR A 189 -10.74 -17.01 3.84
N VAL A 190 -10.48 -15.73 3.68
CA VAL A 190 -9.72 -14.96 4.64
C VAL A 190 -10.22 -13.51 4.65
N GLY A 191 -10.24 -12.91 5.84
CA GLY A 191 -10.55 -11.48 5.98
C GLY A 191 -9.43 -10.58 5.49
N ASP A 192 -9.26 -9.43 6.13
CA ASP A 192 -8.25 -8.44 5.72
C ASP A 192 -7.24 -8.15 6.84
N ASN A 193 -7.13 -9.04 7.83
CA ASN A 193 -6.32 -8.77 9.04
C ASN A 193 -4.97 -9.52 9.17
N PHE A 194 -4.67 -10.47 8.30
CA PHE A 194 -3.43 -11.19 8.42
C PHE A 194 -2.23 -10.34 7.98
N LEU A 195 -1.15 -10.41 8.76
CA LEU A 195 0.11 -9.73 8.45
C LEU A 195 1.23 -10.74 8.19
N ARG A 196 1.99 -10.48 7.13
CA ARG A 196 3.16 -11.25 6.79
C ARG A 196 4.41 -10.47 7.16
N HIS A 197 5.31 -11.13 7.88
CA HIS A 197 6.54 -10.52 8.34
C HIS A 197 7.57 -10.39 7.21
N LEU A 198 8.23 -9.23 7.16
CA LEU A 198 9.23 -8.95 6.15
C LEU A 198 10.58 -9.02 6.84
N GLY A 199 11.56 -9.66 6.20
CA GLY A 199 12.82 -9.95 6.88
C GLY A 199 13.86 -8.83 6.81
N ILE A 200 13.45 -7.61 7.13
CA ILE A 200 14.36 -6.51 7.30
C ILE A 200 14.34 -6.21 8.80
N TYR A 201 15.48 -5.83 9.39
CA TYR A 201 15.55 -5.54 10.82
C TYR A 201 16.43 -4.33 11.17
N GLY A 202 16.03 -3.65 12.25
CA GLY A 202 16.83 -2.57 12.79
C GLY A 202 17.17 -2.84 14.23
N TYR A 203 18.39 -2.52 14.60
CA TYR A 203 18.79 -2.61 15.99
C TYR A 203 20.02 -1.79 16.29
N ARG A 204 20.37 -1.74 17.58
CA ARG A 204 21.58 -1.05 18.01
C ARG A 204 22.80 -2.00 18.04
N ALA A 205 23.96 -1.50 17.64
CA ALA A 205 25.18 -2.29 17.63
C ALA A 205 25.38 -3.02 18.98
N GLY A 206 25.22 -2.30 20.07
CA GLY A 206 25.36 -2.87 21.41
C GLY A 206 24.41 -4.03 21.66
N PHE A 207 23.19 -3.93 21.16
CA PHE A 207 22.22 -4.98 21.35
C PHE A 207 22.62 -6.26 20.57
N ILE A 208 23.01 -6.09 19.30
CA ILE A 208 23.29 -7.23 18.43
C ILE A 208 24.53 -8.00 18.89
N ARG A 209 25.51 -7.23 19.36
CA ARG A 209 26.73 -7.78 19.94
C ARG A 209 26.47 -8.84 20.99
N ARG A 210 25.45 -8.60 21.80
CA ARG A 210 25.17 -9.43 22.96
C ARG A 210 24.17 -10.53 22.59
N TYR A 211 23.19 -10.17 21.77
CA TYR A 211 22.14 -11.07 21.34
C TYR A 211 22.62 -12.33 20.62
N VAL A 212 23.71 -12.21 19.86
CA VAL A 212 24.26 -13.36 19.15
C VAL A 212 24.90 -14.37 20.08
N ASN A 213 25.18 -13.96 21.31
CA ASN A 213 25.73 -14.86 22.35
C ASN A 213 24.69 -15.46 23.30
N TRP A 214 23.47 -14.92 23.34
CA TRP A 214 22.40 -15.51 24.14
C TRP A 214 22.10 -16.91 23.64
N GLN A 215 21.93 -17.85 24.57
CA GLN A 215 21.57 -19.21 24.19
C GLN A 215 20.23 -19.24 23.48
N PRO A 216 20.14 -20.02 22.40
CA PRO A 216 18.88 -20.12 21.68
C PRO A 216 17.66 -20.45 22.55
N SER A 217 16.54 -19.86 22.18
CA SER A 217 15.25 -20.31 22.65
C SER A 217 14.88 -21.63 21.99
N PRO A 218 14.19 -22.53 22.72
CA PRO A 218 13.71 -23.77 22.11
C PRO A 218 12.68 -23.49 21.02
N LEU A 219 11.94 -22.40 21.17
CA LEU A 219 11.04 -21.91 20.15
C LEU A 219 11.73 -21.73 18.80
N GLU A 220 12.99 -21.28 18.81
CA GLU A 220 13.71 -20.98 17.57
C GLU A 220 13.73 -22.17 16.65
N HIS A 221 14.15 -23.33 17.15
CA HIS A 221 14.26 -24.52 16.28
C HIS A 221 12.88 -25.14 16.00
N ILE A 222 11.90 -24.96 16.89
CA ILE A 222 10.54 -25.45 16.63
C ILE A 222 9.93 -24.70 15.43
N GLU A 223 9.92 -23.38 15.48
CA GLU A 223 9.33 -22.56 14.41
C GLU A 223 10.31 -22.22 13.27
N MET A 224 11.60 -22.53 13.43
CA MET A 224 12.64 -22.05 12.52
C MET A 224 12.53 -20.52 12.29
N LEU A 225 12.44 -19.77 13.40
CA LEU A 225 12.38 -18.31 13.42
C LEU A 225 13.28 -17.77 14.53
N GLU A 226 14.45 -17.28 14.14
CA GLU A 226 15.46 -16.80 15.06
C GLU A 226 14.93 -15.62 15.86
N GLN A 227 14.08 -14.80 15.27
CA GLN A 227 13.68 -13.56 15.93
C GLN A 227 12.85 -13.84 17.19
N LEU A 228 12.27 -15.05 17.30
CA LEU A 228 11.55 -15.39 18.53
C LEU A 228 12.48 -15.33 19.76
N ARG A 229 13.78 -15.41 19.56
CA ARG A 229 14.72 -15.26 20.67
C ARG A 229 14.49 -13.97 21.45
N VAL A 230 14.23 -12.88 20.74
CA VAL A 230 13.97 -11.62 21.37
C VAL A 230 12.77 -11.72 22.32
N LEU A 231 11.69 -12.32 21.85
CA LEU A 231 10.48 -12.41 22.67
C LEU A 231 10.71 -13.39 23.83
N TRP A 232 11.36 -14.51 23.56
CA TRP A 232 11.67 -15.49 24.61
C TRP A 232 12.34 -14.88 25.83
N TYR A 233 13.30 -13.99 25.62
CA TYR A 233 14.01 -13.32 26.73
C TYR A 233 13.37 -12.04 27.24
N GLY A 234 12.10 -11.78 26.92
CA GLY A 234 11.37 -10.68 27.54
C GLY A 234 11.61 -9.31 26.91
N GLU A 235 12.25 -9.28 25.76
CA GLU A 235 12.48 -8.04 25.04
C GLU A 235 11.39 -7.90 23.98
N LYS A 236 11.31 -6.70 23.43
CA LYS A 236 10.26 -6.34 22.48
C LYS A 236 10.79 -6.17 21.03
N ILE A 237 10.00 -6.60 20.06
CA ILE A 237 10.21 -6.26 18.66
C ILE A 237 9.09 -5.36 18.15
N HIS A 238 9.40 -4.16 17.68
CA HIS A 238 8.37 -3.30 17.08
C HIS A 238 8.19 -3.60 15.60
N VAL A 239 6.94 -3.59 15.13
CA VAL A 239 6.59 -3.95 13.78
C VAL A 239 5.69 -2.90 13.19
N ALA A 240 6.14 -2.20 12.15
CA ALA A 240 5.28 -1.27 11.43
C ALA A 240 4.83 -1.90 10.11
N VAL A 241 3.70 -1.45 9.57
CA VAL A 241 3.22 -1.94 8.27
C VAL A 241 4.01 -1.22 7.19
N ALA A 242 4.63 -1.98 6.29
CA ALA A 242 5.54 -1.41 5.31
C ALA A 242 4.89 -0.25 4.56
N GLN A 243 5.53 0.92 4.65
CA GLN A 243 5.08 2.15 4.00
C GLN A 243 4.89 2.01 2.48
N GLU A 244 5.77 1.24 1.83
CA GLU A 244 5.65 0.93 0.41
C GLU A 244 5.79 -0.58 0.27
N VAL A 245 4.74 -1.26 -0.18
CA VAL A 245 4.78 -2.72 -0.31
C VAL A 245 5.92 -3.10 -1.26
N PRO A 246 6.95 -3.81 -0.73
CA PRO A 246 8.09 -4.16 -1.56
C PRO A 246 7.86 -5.43 -2.36
N GLY A 247 8.68 -5.64 -3.39
CA GLY A 247 8.60 -6.82 -4.24
C GLY A 247 9.35 -8.01 -3.67
N THR A 248 9.01 -9.20 -4.16
CA THR A 248 9.56 -10.47 -3.70
C THR A 248 11.09 -10.54 -3.82
N GLY A 249 11.73 -11.19 -2.85
CA GLY A 249 13.15 -11.48 -2.91
C GLY A 249 13.45 -12.52 -3.98
N VAL A 250 14.60 -12.38 -4.65
CA VAL A 250 14.99 -13.33 -5.68
C VAL A 250 15.55 -14.61 -5.04
N ASP A 251 14.69 -15.63 -4.95
CA ASP A 251 15.09 -16.91 -4.37
C ASP A 251 15.01 -18.06 -5.37
N THR A 252 14.51 -17.78 -6.58
CA THR A 252 14.36 -18.80 -7.62
C THR A 252 14.68 -18.21 -8.99
N PRO A 253 14.97 -19.08 -9.98
CA PRO A 253 15.14 -18.62 -11.37
C PRO A 253 13.94 -17.83 -11.91
N GLU A 254 12.74 -18.15 -11.44
CA GLU A 254 11.53 -17.41 -11.83
C GLU A 254 11.54 -15.99 -11.26
N ASP A 255 11.85 -15.87 -9.97
CA ASP A 255 12.01 -14.55 -9.35
C ASP A 255 13.04 -13.72 -10.12
N LEU A 256 14.09 -14.39 -10.59
CA LEU A 256 15.20 -13.72 -11.29
C LEU A 256 14.78 -13.22 -12.67
N GLU A 257 14.12 -14.07 -13.46
CA GLU A 257 13.53 -13.68 -14.75
C GLU A 257 12.57 -12.50 -14.60
N ARG A 258 11.70 -12.59 -13.59
CA ARG A 258 10.70 -11.54 -13.27
C ARG A 258 11.35 -10.20 -12.91
N VAL A 259 12.39 -10.23 -12.08
CA VAL A 259 13.06 -9.00 -11.62
C VAL A 259 13.85 -8.31 -12.72
N ARG A 260 14.43 -9.09 -13.64
CA ARG A 260 15.16 -8.50 -14.77
C ARG A 260 14.34 -7.48 -15.59
N ALA A 261 13.00 -7.63 -15.62
CA ALA A 261 12.11 -6.63 -16.24
C ALA A 261 11.87 -5.42 -15.33
N PHE B 19 -6.42 -15.20 50.02
CA PHE B 19 -7.24 -15.01 48.76
C PHE B 19 -8.74 -15.37 48.79
N VAL B 20 -9.45 -14.91 47.75
CA VAL B 20 -10.91 -15.04 47.59
C VAL B 20 -11.27 -15.81 46.33
N VAL B 21 -12.29 -16.66 46.39
CA VAL B 21 -12.80 -17.35 45.21
C VAL B 21 -14.22 -16.88 44.81
N ILE B 22 -14.35 -16.40 43.57
CA ILE B 22 -15.66 -16.08 42.96
C ILE B 22 -16.03 -17.10 41.89
N ILE B 23 -17.19 -17.72 42.04
CA ILE B 23 -17.71 -18.70 41.06
C ILE B 23 -18.90 -18.14 40.28
N PRO B 24 -18.67 -17.66 39.06
CA PRO B 24 -19.81 -17.15 38.27
C PRO B 24 -20.67 -18.24 37.63
N ALA B 25 -21.70 -18.69 38.32
CA ALA B 25 -22.61 -19.72 37.78
C ALA B 25 -23.40 -19.16 36.61
N ARG B 26 -23.17 -19.71 35.41
CA ARG B 26 -23.93 -19.36 34.22
C ARG B 26 -25.08 -20.37 34.16
N TYR B 27 -26.31 -19.87 34.05
CA TYR B 27 -27.51 -20.72 34.16
C TYR B 27 -28.00 -21.22 32.80
N ALA B 28 -28.13 -20.29 31.85
CA ALA B 28 -28.60 -20.62 30.50
C ALA B 28 -27.53 -21.42 29.75
N SER B 29 -28.00 -22.26 28.85
CA SER B 29 -27.17 -23.22 28.16
C SER B 29 -28.11 -24.10 27.40
N THR B 30 -27.87 -24.23 26.11
CA THR B 30 -28.44 -25.33 25.34
C THR B 30 -27.73 -26.58 25.85
N ARG B 31 -28.33 -27.73 25.58
CA ARG B 31 -27.88 -29.04 26.09
C ARG B 31 -28.07 -29.27 27.60
N LEU B 32 -27.60 -28.36 28.46
CA LEU B 32 -27.84 -28.46 29.91
C LEU B 32 -28.62 -27.28 30.50
N PRO B 33 -29.96 -27.29 30.34
CA PRO B 33 -30.86 -26.26 30.87
C PRO B 33 -30.47 -25.65 32.22
N GLY B 34 -30.83 -26.25 33.35
CA GLY B 34 -30.60 -25.58 34.64
C GLY B 34 -29.21 -25.83 35.20
N LYS B 35 -28.20 -25.64 34.35
CA LYS B 35 -26.82 -26.13 34.58
C LYS B 35 -26.30 -26.15 36.03
N PRO B 36 -26.27 -24.99 36.72
CA PRO B 36 -25.71 -25.03 38.08
C PRO B 36 -26.46 -25.98 39.01
N LEU B 37 -27.77 -26.14 38.77
CA LEU B 37 -28.67 -26.93 39.62
C LEU B 37 -28.80 -28.40 39.25
N VAL B 38 -28.10 -28.84 38.22
CA VAL B 38 -28.16 -30.25 37.81
C VAL B 38 -27.60 -31.17 38.90
N ASP B 39 -28.33 -32.23 39.24
CA ASP B 39 -28.00 -33.10 40.37
C ASP B 39 -26.81 -34.01 40.09
N ILE B 40 -25.84 -34.01 41.00
CA ILE B 40 -24.70 -34.94 40.96
C ILE B 40 -24.64 -35.70 42.28
N ASN B 41 -25.24 -36.89 42.29
CA ASN B 41 -25.26 -37.78 43.45
C ASN B 41 -25.74 -37.11 44.75
N GLY B 42 -26.89 -36.44 44.68
CA GLY B 42 -27.52 -35.88 45.88
C GLY B 42 -27.30 -34.40 46.16
N LYS B 43 -26.32 -33.79 45.50
CA LYS B 43 -26.13 -32.33 45.58
C LYS B 43 -26.06 -31.70 44.19
N PRO B 44 -26.48 -30.44 44.09
CA PRO B 44 -26.36 -29.70 42.84
C PRO B 44 -24.93 -29.31 42.49
N MET B 45 -24.64 -29.35 41.21
CA MET B 45 -23.30 -29.09 40.67
C MET B 45 -22.58 -27.87 41.26
N ILE B 46 -23.29 -26.75 41.39
CA ILE B 46 -22.73 -25.53 41.99
C ILE B 46 -22.23 -25.81 43.43
N VAL B 47 -22.99 -26.56 44.22
CA VAL B 47 -22.54 -26.90 45.57
C VAL B 47 -21.27 -27.76 45.55
N HIS B 48 -21.14 -28.62 44.55
CA HIS B 48 -19.90 -29.39 44.42
C HIS B 48 -18.70 -28.46 44.18
N VAL B 49 -18.86 -27.45 43.31
CA VAL B 49 -17.75 -26.50 43.09
C VAL B 49 -17.47 -25.70 44.37
N LEU B 50 -18.51 -25.43 45.14
CA LEU B 50 -18.35 -24.89 46.49
C LEU B 50 -17.49 -25.83 47.37
N GLU B 51 -17.80 -27.15 47.42
CA GLU B 51 -16.93 -28.14 48.15
C GLU B 51 -15.43 -27.80 47.81
N ARG B 52 -15.06 -27.82 46.53
CA ARG B 52 -13.66 -27.65 46.09
C ARG B 52 -13.01 -26.35 46.51
N ALA B 53 -13.69 -25.23 46.25
CA ALA B 53 -13.21 -23.92 46.62
C ALA B 53 -12.88 -23.84 48.10
N ARG B 54 -13.74 -24.39 48.95
CA ARG B 54 -13.49 -24.38 50.39
C ARG B 54 -12.20 -25.11 50.74
N GLU B 55 -12.01 -26.26 50.07
CA GLU B 55 -10.84 -27.09 50.28
C GLU B 55 -9.58 -26.37 49.86
N SER B 56 -9.71 -25.39 48.97
CA SER B 56 -8.53 -24.65 48.48
C SER B 56 -7.95 -23.74 49.57
N GLY B 57 -8.71 -23.53 50.64
CA GLY B 57 -8.30 -22.64 51.71
C GLY B 57 -8.73 -21.20 51.52
N ALA B 58 -9.54 -20.91 50.51
CA ALA B 58 -10.06 -19.56 50.30
C ALA B 58 -10.78 -19.00 51.55
N GLU B 59 -10.69 -17.68 51.74
CA GLU B 59 -11.30 -17.00 52.90
C GLU B 59 -12.73 -16.51 52.61
N ARG B 60 -13.03 -16.27 51.33
CA ARG B 60 -14.40 -16.06 50.85
C ARG B 60 -14.64 -16.94 49.60
N ILE B 61 -15.83 -17.52 49.51
CA ILE B 61 -16.25 -18.25 48.32
C ILE B 61 -17.60 -17.75 47.91
N ILE B 62 -17.65 -16.92 46.88
CA ILE B 62 -18.89 -16.28 46.46
C ILE B 62 -19.37 -16.80 45.12
N VAL B 63 -20.58 -17.39 45.12
CA VAL B 63 -21.28 -17.74 43.88
C VAL B 63 -22.05 -16.53 43.36
N ALA B 64 -21.82 -16.19 42.09
CA ALA B 64 -22.44 -15.04 41.46
C ALA B 64 -23.54 -15.53 40.52
N THR B 65 -24.76 -15.06 40.74
CA THR B 65 -25.90 -15.49 39.94
C THR B 65 -27.03 -14.47 40.02
N ASP B 66 -27.88 -14.47 39.00
CA ASP B 66 -29.11 -13.66 38.98
C ASP B 66 -30.35 -14.55 38.94
N HIS B 67 -30.23 -15.74 39.54
CA HIS B 67 -31.33 -16.69 39.62
C HIS B 67 -31.55 -17.08 41.07
N GLU B 68 -32.77 -16.86 41.57
CA GLU B 68 -33.15 -17.16 42.95
C GLU B 68 -32.98 -18.62 43.31
N ASP B 69 -33.46 -19.51 42.45
CA ASP B 69 -33.37 -20.95 42.70
C ASP B 69 -31.93 -21.40 42.98
N VAL B 70 -30.97 -20.85 42.24
CA VAL B 70 -29.55 -21.14 42.47
C VAL B 70 -29.10 -20.57 43.80
N ALA B 71 -29.49 -19.34 44.07
CA ALA B 71 -29.17 -18.67 45.33
C ALA B 71 -29.63 -19.47 46.55
N ARG B 72 -30.86 -20.00 46.51
CA ARG B 72 -31.34 -20.79 47.64
C ARG B 72 -30.57 -22.13 47.80
N ALA B 73 -30.11 -22.72 46.70
CA ALA B 73 -29.34 -23.96 46.76
C ALA B 73 -27.95 -23.76 47.39
N VAL B 74 -27.24 -22.72 46.98
CA VAL B 74 -25.95 -22.39 47.60
C VAL B 74 -26.07 -22.03 49.07
N GLU B 75 -27.06 -21.21 49.41
CA GLU B 75 -27.30 -20.79 50.80
C GLU B 75 -27.71 -21.94 51.71
N ALA B 76 -28.53 -22.86 51.21
CA ALA B 76 -28.86 -24.10 51.94
C ALA B 76 -27.62 -24.94 52.30
N ALA B 77 -26.61 -24.92 51.44
CA ALA B 77 -25.30 -25.56 51.70
C ALA B 77 -24.36 -24.66 52.54
N GLY B 78 -24.81 -23.47 52.91
CA GLY B 78 -24.00 -22.56 53.72
C GLY B 78 -23.09 -21.63 52.94
N GLY B 79 -23.39 -21.41 51.67
CA GLY B 79 -22.55 -20.59 50.81
C GLY B 79 -23.02 -19.15 50.68
N GLU B 80 -22.06 -18.25 50.52
CA GLU B 80 -22.30 -16.85 50.27
C GLU B 80 -22.69 -16.66 48.80
N VAL B 81 -23.66 -15.79 48.56
CA VAL B 81 -24.17 -15.50 47.23
C VAL B 81 -24.17 -14.00 47.01
N CYS B 82 -23.88 -13.61 45.78
CA CYS B 82 -23.95 -12.21 45.39
C CYS B 82 -24.83 -12.12 44.14
N MET B 83 -25.98 -11.45 44.24
CA MET B 83 -26.90 -11.35 43.11
C MET B 83 -26.41 -10.31 42.10
N THR B 84 -26.35 -10.69 40.83
CA THR B 84 -25.78 -9.84 39.78
C THR B 84 -26.87 -9.37 38.82
N ARG B 85 -26.63 -8.28 38.11
CA ARG B 85 -27.62 -7.74 37.15
C ARG B 85 -27.50 -8.39 35.78
N SER B 90 -21.38 -10.73 31.65
CA SER B 90 -20.52 -11.10 30.54
C SER B 90 -19.25 -11.79 31.02
N GLY B 91 -19.40 -12.67 32.02
CA GLY B 91 -18.28 -13.40 32.57
C GLY B 91 -17.46 -12.55 33.53
N THR B 92 -16.39 -11.95 33.03
CA THR B 92 -15.52 -11.12 33.85
C THR B 92 -16.28 -9.96 34.46
N GLU B 93 -17.19 -9.38 33.67
CA GLU B 93 -17.99 -8.25 34.13
C GLU B 93 -18.83 -8.61 35.37
N ARG B 94 -19.26 -9.87 35.47
CA ARG B 94 -19.99 -10.35 36.65
C ARG B 94 -19.08 -10.36 37.87
N LEU B 95 -17.81 -10.72 37.68
CA LEU B 95 -16.82 -10.64 38.75
C LEU B 95 -16.57 -9.19 39.16
N ALA B 96 -16.58 -8.28 38.19
CA ALA B 96 -16.40 -6.87 38.53
C ALA B 96 -17.53 -6.44 39.45
N GLU B 97 -18.75 -6.90 39.18
CA GLU B 97 -19.90 -6.46 39.95
C GLU B 97 -19.79 -6.96 41.38
N VAL B 98 -19.40 -8.23 41.53
CA VAL B 98 -19.22 -8.84 42.83
C VAL B 98 -18.09 -8.14 43.60
N VAL B 99 -17.00 -7.81 42.91
CA VAL B 99 -15.89 -7.07 43.51
C VAL B 99 -16.31 -5.70 44.02
N GLU B 100 -17.20 -5.01 43.31
CA GLU B 100 -17.75 -3.73 43.77
C GLU B 100 -18.72 -3.92 44.93
N LYS B 101 -19.65 -4.84 44.78
CA LYS B 101 -20.64 -5.11 45.82
C LYS B 101 -20.01 -5.58 47.13
N CYS B 102 -18.89 -6.31 47.07
CA CYS B 102 -18.17 -6.71 48.29
C CYS B 102 -17.17 -5.70 48.81
N ALA B 103 -16.85 -4.69 48.01
CA ALA B 103 -15.89 -3.65 48.40
C ALA B 103 -14.53 -4.22 48.82
N PHE B 104 -14.02 -5.21 48.08
CA PHE B 104 -12.67 -5.71 48.31
C PHE B 104 -11.67 -4.62 47.97
N SER B 105 -10.58 -4.55 48.74
CA SER B 105 -9.47 -3.65 48.46
C SER B 105 -8.76 -4.06 47.15
N ASP B 106 -8.17 -3.08 46.46
CA ASP B 106 -7.49 -3.29 45.17
C ASP B 106 -6.51 -4.47 45.15
N ASP B 107 -5.81 -4.68 46.25
CA ASP B 107 -4.76 -5.71 46.31
C ASP B 107 -5.27 -7.09 46.73
N THR B 108 -6.58 -7.24 46.90
CA THR B 108 -7.18 -8.55 47.19
C THR B 108 -6.98 -9.50 46.02
N VAL B 109 -6.45 -10.69 46.30
CA VAL B 109 -6.27 -11.73 45.28
C VAL B 109 -7.61 -12.47 45.06
N ILE B 110 -8.04 -12.56 43.81
CA ILE B 110 -9.32 -13.13 43.43
C ILE B 110 -9.03 -14.24 42.43
N VAL B 111 -9.62 -15.41 42.64
CA VAL B 111 -9.52 -16.50 41.69
C VAL B 111 -10.93 -16.82 41.10
N ASN B 112 -11.01 -16.87 39.78
CA ASN B 112 -12.23 -17.12 39.08
C ASN B 112 -12.32 -18.60 38.77
N VAL B 113 -13.24 -19.32 39.41
CA VAL B 113 -13.47 -20.73 39.12
C VAL B 113 -14.83 -20.96 38.43
N GLN B 114 -14.83 -21.57 37.25
CA GLN B 114 -16.06 -21.79 36.51
C GLN B 114 -17.00 -22.70 37.29
N GLY B 115 -18.29 -22.45 37.20
CA GLY B 115 -19.27 -23.21 37.96
C GLY B 115 -19.68 -24.53 37.33
N ASP B 116 -19.03 -24.91 36.24
CA ASP B 116 -19.22 -26.23 35.66
C ASP B 116 -18.04 -27.19 35.93
N GLU B 117 -17.30 -26.94 37.02
CA GLU B 117 -16.14 -27.80 37.38
C GLU B 117 -16.21 -28.41 38.78
N PRO B 118 -17.10 -29.39 38.98
CA PRO B 118 -17.36 -29.97 40.29
C PRO B 118 -16.21 -30.82 40.82
N MET B 119 -15.29 -31.20 39.92
CA MET B 119 -14.12 -32.01 40.29
C MET B 119 -12.82 -31.25 40.20
N ILE B 120 -12.85 -29.93 40.07
CA ILE B 120 -11.58 -29.20 40.00
C ILE B 120 -10.82 -29.47 41.30
N PRO B 121 -9.54 -29.90 41.20
CA PRO B 121 -8.70 -30.05 42.41
C PRO B 121 -8.39 -28.72 43.12
N ALA B 122 -8.61 -28.67 44.42
CA ALA B 122 -8.32 -27.50 45.24
C ALA B 122 -6.87 -27.01 45.13
N THR B 123 -5.96 -27.94 44.87
CA THR B 123 -4.53 -27.61 44.73
C THR B 123 -4.31 -26.60 43.59
N ILE B 124 -4.95 -26.80 42.45
CA ILE B 124 -4.72 -25.89 41.33
C ILE B 124 -5.39 -24.51 41.56
N ILE B 125 -6.44 -24.48 42.38
CA ILE B 125 -7.05 -23.20 42.76
C ILE B 125 -6.03 -22.41 43.58
N ARG B 126 -5.35 -23.10 44.48
CA ARG B 126 -4.36 -22.48 45.36
C ARG B 126 -3.10 -22.12 44.58
N GLN B 127 -2.76 -22.97 43.61
CA GLN B 127 -1.60 -22.72 42.75
C GLN B 127 -1.72 -21.35 42.06
N VAL B 128 -2.87 -21.05 41.48
CA VAL B 128 -3.01 -19.79 40.74
C VAL B 128 -2.97 -18.59 41.68
N ALA B 129 -3.54 -18.73 42.87
CA ALA B 129 -3.50 -17.68 43.86
C ALA B 129 -2.06 -17.36 44.30
N ASP B 130 -1.30 -18.38 44.67
CA ASP B 130 0.11 -18.20 45.09
C ASP B 130 0.96 -17.64 43.95
N ASN B 131 0.71 -18.11 42.72
CA ASN B 131 1.35 -17.54 41.53
C ASN B 131 1.15 -16.04 41.36
N LEU B 132 -0.08 -15.58 41.60
CA LEU B 132 -0.41 -14.17 41.42
C LEU B 132 0.21 -13.40 42.57
N ALA B 133 0.09 -13.96 43.77
CA ALA B 133 0.62 -13.34 44.99
C ALA B 133 2.11 -13.00 44.87
N GLN B 134 2.89 -13.96 44.37
CA GLN B 134 4.35 -13.84 44.39
C GLN B 134 4.92 -13.03 43.20
N ARG B 135 4.07 -12.65 42.24
CA ARG B 135 4.50 -11.89 41.05
C ARG B 135 3.82 -10.51 40.97
N GLN B 136 4.49 -9.57 40.32
CA GLN B 136 3.91 -8.24 40.12
C GLN B 136 3.35 -8.21 38.73
N VAL B 137 2.12 -8.69 38.62
CA VAL B 137 1.46 -8.87 37.34
C VAL B 137 -0.07 -8.95 37.55
N GLY B 138 -0.81 -8.49 36.55
CA GLY B 138 -2.24 -8.36 36.68
C GLY B 138 -2.99 -9.69 36.70
N MET B 139 -2.53 -10.65 35.91
CA MET B 139 -3.21 -11.93 35.78
C MET B 139 -2.26 -13.11 35.83
N ALA B 140 -2.71 -14.16 36.52
CA ALA B 140 -2.07 -15.48 36.44
C ALA B 140 -3.08 -16.49 35.93
N THR B 141 -2.59 -17.53 35.26
CA THR B 141 -3.44 -18.62 34.79
C THR B 141 -2.62 -19.92 34.69
N LEU B 142 -3.24 -20.99 34.20
CA LEU B 142 -2.66 -22.34 34.24
C LEU B 142 -2.75 -23.00 32.86
N ALA B 143 -1.86 -23.94 32.57
CA ALA B 143 -1.88 -24.73 31.36
C ALA B 143 -1.48 -26.17 31.65
N VAL B 144 -1.83 -27.07 30.73
CA VAL B 144 -1.44 -28.46 30.76
C VAL B 144 -0.87 -28.90 29.40
N PRO B 145 0.05 -29.87 29.40
CA PRO B 145 0.62 -30.26 28.11
C PRO B 145 -0.38 -30.97 27.23
N ILE B 146 -0.21 -30.83 25.92
CA ILE B 146 -1.02 -31.54 24.93
C ILE B 146 -0.19 -32.73 24.44
N HIS B 147 -0.78 -33.92 24.41
CA HIS B 147 -0.03 -35.11 24.00
C HIS B 147 -0.66 -35.83 22.82
N ASN B 148 -1.51 -35.13 22.08
CA ASN B 148 -2.21 -35.77 20.97
C ASN B 148 -2.59 -34.76 19.87
N ALA B 149 -2.51 -35.22 18.62
CA ALA B 149 -2.70 -34.37 17.45
C ALA B 149 -4.14 -33.89 17.28
N GLU B 150 -5.09 -34.78 17.50
CA GLU B 150 -6.51 -34.43 17.41
C GLU B 150 -6.75 -33.15 18.24
N GLU B 151 -6.22 -33.17 19.46
CA GLU B 151 -6.36 -32.06 20.42
C GLU B 151 -5.51 -30.85 20.04
N ALA B 152 -4.33 -31.09 19.48
CA ALA B 152 -3.46 -30.00 19.02
C ALA B 152 -4.06 -29.15 17.92
N PHE B 153 -4.80 -29.79 17.00
CA PHE B 153 -5.45 -29.12 15.86
C PHE B 153 -6.93 -28.82 16.08
N ASN B 154 -7.42 -29.15 17.28
CA ASN B 154 -8.77 -28.79 17.69
C ASN B 154 -8.77 -27.31 18.06
N PRO B 155 -9.55 -26.48 17.34
CA PRO B 155 -9.64 -25.07 17.73
C PRO B 155 -10.40 -24.82 19.04
N ASN B 156 -11.09 -25.82 19.60
CA ASN B 156 -11.66 -25.67 20.92
C ASN B 156 -10.64 -25.82 22.02
N ALA B 157 -9.45 -26.29 21.70
CA ALA B 157 -8.39 -26.38 22.68
C ALA B 157 -7.54 -25.15 22.47
N VAL B 158 -7.56 -24.23 23.42
CA VAL B 158 -6.74 -23.01 23.28
C VAL B 158 -5.27 -23.34 23.61
N LYS B 159 -4.38 -23.06 22.67
CA LYS B 159 -2.98 -23.30 22.85
C LYS B 159 -2.33 -22.01 23.33
N VAL B 160 -1.23 -22.12 24.06
CA VAL B 160 -0.52 -20.96 24.61
C VAL B 160 0.99 -21.16 24.44
N VAL B 161 1.72 -20.10 24.09
CA VAL B 161 3.19 -20.17 24.02
C VAL B 161 3.78 -19.19 25.01
N LEU B 162 4.87 -19.59 25.66
CA LEU B 162 5.40 -18.87 26.80
C LEU B 162 6.79 -18.33 26.57
N ASP B 163 7.20 -17.33 27.35
CA ASP B 163 8.58 -16.88 27.34
C ASP B 163 9.34 -17.57 28.47
N ALA B 164 10.60 -17.20 28.69
CA ALA B 164 11.45 -17.95 29.61
C ALA B 164 10.94 -17.88 31.07
N GLU B 165 10.26 -16.78 31.40
CA GLU B 165 9.74 -16.56 32.76
C GLU B 165 8.33 -17.08 32.93
N GLY B 166 7.78 -17.70 31.89
CA GLY B 166 6.41 -18.22 31.95
C GLY B 166 5.29 -17.22 31.65
N TYR B 167 5.64 -16.03 31.15
CA TYR B 167 4.61 -15.11 30.69
C TYR B 167 4.10 -15.56 29.34
N ALA B 168 2.81 -15.40 29.10
CA ALA B 168 2.22 -15.77 27.83
C ALA B 168 2.69 -14.82 26.74
N LEU B 169 3.18 -15.39 25.65
CA LEU B 169 3.54 -14.59 24.48
C LEU B 169 2.23 -14.35 23.73
N TYR B 170 1.44 -15.41 23.54
CA TYR B 170 0.20 -15.33 22.78
C TYR B 170 -0.69 -16.53 23.12
N PHE B 171 -2.01 -16.39 23.00
CA PHE B 171 -2.94 -17.56 23.07
C PHE B 171 -3.62 -17.63 21.74
N SER B 172 -3.96 -18.85 21.29
CA SER B 172 -4.58 -19.02 19.98
C SER B 172 -5.31 -20.32 19.85
N ARG B 173 -6.22 -20.34 18.90
CA ARG B 173 -6.92 -21.54 18.54
C ARG B 173 -6.19 -22.21 17.37
N ALA B 174 -5.22 -21.49 16.80
CA ALA B 174 -4.30 -22.07 15.85
C ALA B 174 -3.34 -22.99 16.59
N THR B 175 -2.74 -23.93 15.85
CA THR B 175 -1.77 -24.86 16.43
C THR B 175 -0.43 -24.16 16.55
N ILE B 176 -0.17 -23.59 17.73
CA ILE B 176 1.12 -22.97 18.04
C ILE B 176 1.80 -23.64 19.27
N PRO B 177 3.14 -23.74 19.24
CA PRO B 177 4.03 -23.30 18.14
C PRO B 177 3.87 -24.26 16.97
N TRP B 178 4.08 -23.80 15.73
CA TRP B 178 3.94 -24.69 14.57
C TRP B 178 5.18 -25.58 14.48
N ASP B 179 5.04 -26.87 14.77
CA ASP B 179 6.21 -27.76 14.78
C ASP B 179 6.20 -28.66 13.56
N ARG B 180 6.68 -28.12 12.45
CA ARG B 180 6.76 -28.83 11.19
C ARG B 180 7.58 -30.12 11.25
N ASP B 181 8.23 -30.42 12.37
CA ASP B 181 8.97 -31.70 12.52
C ASP B 181 8.16 -32.79 13.26
N ARG B 182 7.51 -32.47 14.38
CA ARG B 182 6.66 -33.48 15.07
C ARG B 182 5.70 -34.09 14.03
N PHE B 183 4.81 -33.26 13.51
CA PHE B 183 4.28 -33.46 12.17
C PHE B 183 5.43 -33.01 11.26
N ALA B 184 5.88 -33.82 10.29
CA ALA B 184 5.11 -34.88 9.67
C ALA B 184 5.68 -36.28 9.93
N GLU B 185 5.29 -36.92 11.04
CA GLU B 185 5.59 -38.33 11.29
C GLU B 185 4.36 -39.19 11.63
N GLY B 186 3.17 -38.59 11.71
CA GLY B 186 2.01 -39.26 12.31
C GLY B 186 2.18 -39.44 13.82
N VAL B 190 2.61 -35.69 18.99
CA VAL B 190 3.06 -34.34 18.63
C VAL B 190 4.18 -33.80 19.53
N GLY B 191 4.91 -34.70 20.19
CA GLY B 191 6.05 -34.30 21.03
C GLY B 191 5.65 -33.74 22.40
N ASP B 192 6.31 -32.65 22.80
CA ASP B 192 6.15 -32.13 24.16
C ASP B 192 6.26 -30.59 24.29
N ASN B 193 6.08 -29.85 23.19
CA ASN B 193 6.22 -28.38 23.20
C ASN B 193 4.87 -27.64 23.37
N PHE B 194 3.78 -28.39 23.36
CA PHE B 194 2.44 -27.85 23.25
C PHE B 194 1.74 -27.77 24.59
N LEU B 195 1.20 -26.60 24.90
CA LEU B 195 0.40 -26.41 26.11
C LEU B 195 -1.05 -26.05 25.77
N ARG B 196 -2.01 -26.64 26.49
CA ARG B 196 -3.44 -26.27 26.43
C ARG B 196 -3.70 -25.31 27.57
N HIS B 197 -4.33 -24.18 27.28
CA HIS B 197 -4.72 -23.20 28.32
C HIS B 197 -5.97 -23.65 29.08
N LEU B 198 -5.90 -23.59 30.40
CA LEU B 198 -7.00 -23.94 31.31
C LEU B 198 -7.77 -22.67 31.64
N GLY B 199 -9.10 -22.76 31.68
CA GLY B 199 -9.94 -21.58 31.93
C GLY B 199 -10.09 -21.25 33.40
N ILE B 200 -8.97 -21.15 34.13
CA ILE B 200 -8.98 -20.69 35.52
C ILE B 200 -8.04 -19.48 35.62
N TYR B 201 -8.48 -18.45 36.33
CA TYR B 201 -7.74 -17.18 36.32
C TYR B 201 -7.59 -16.61 37.73
N GLY B 202 -6.47 -15.94 37.95
CA GLY B 202 -6.25 -15.21 39.20
C GLY B 202 -5.92 -13.78 38.83
N TYR B 203 -6.43 -12.83 39.61
CA TYR B 203 -6.12 -11.43 39.44
C TYR B 203 -6.26 -10.69 40.76
N ARG B 204 -5.65 -9.52 40.85
CA ARG B 204 -5.89 -8.62 41.97
C ARG B 204 -7.17 -7.85 41.66
N ALA B 205 -7.94 -7.53 42.70
CA ALA B 205 -9.25 -6.89 42.53
C ALA B 205 -9.16 -5.61 41.69
N GLY B 206 -8.13 -4.80 41.95
CA GLY B 206 -7.94 -3.52 41.28
C GLY B 206 -7.69 -3.67 39.79
N PHE B 207 -7.06 -4.77 39.42
CA PHE B 207 -6.87 -5.07 38.02
C PHE B 207 -8.19 -5.39 37.33
N ILE B 208 -9.07 -6.13 38.00
CA ILE B 208 -10.39 -6.46 37.47
C ILE B 208 -11.20 -5.19 37.22
N ARG B 209 -11.20 -4.29 38.20
CA ARG B 209 -11.85 -2.98 38.10
C ARG B 209 -11.45 -2.25 36.82
N ARG B 210 -10.14 -2.22 36.55
CA ARG B 210 -9.57 -1.55 35.38
C ARG B 210 -9.97 -2.29 34.12
N TYR B 211 -9.58 -3.55 34.08
CA TYR B 211 -9.79 -4.41 32.94
C TYR B 211 -11.13 -4.26 32.23
N VAL B 212 -12.22 -4.20 32.99
CA VAL B 212 -13.55 -4.20 32.38
C VAL B 212 -13.92 -2.84 31.78
N ASN B 213 -13.22 -1.78 32.19
CA ASN B 213 -13.40 -0.45 31.57
C ASN B 213 -12.64 -0.28 30.25
N TRP B 214 -11.74 -1.19 29.93
CA TRP B 214 -11.03 -1.13 28.66
C TRP B 214 -11.93 -1.42 27.48
N GLN B 215 -11.86 -0.55 26.49
CA GLN B 215 -12.41 -0.85 25.17
C GLN B 215 -11.95 -2.25 24.77
N PRO B 216 -12.84 -3.08 24.21
CA PRO B 216 -12.37 -4.38 23.73
C PRO B 216 -11.41 -4.24 22.55
N SER B 217 -10.63 -5.28 22.31
CA SER B 217 -9.63 -5.27 21.25
C SER B 217 -10.15 -5.98 20.00
N PRO B 218 -9.67 -5.59 18.81
CA PRO B 218 -10.12 -6.28 17.59
C PRO B 218 -9.71 -7.74 17.57
N LEU B 219 -8.56 -8.03 18.16
CA LEU B 219 -8.05 -9.38 18.30
C LEU B 219 -9.02 -10.33 18.98
N GLU B 220 -9.58 -9.92 20.11
CA GLU B 220 -10.38 -10.87 20.88
C GLU B 220 -11.57 -11.39 20.10
N HIS B 221 -12.18 -10.55 19.28
CA HIS B 221 -13.34 -10.96 18.48
C HIS B 221 -12.93 -11.83 17.30
N ILE B 222 -11.70 -11.67 16.83
CA ILE B 222 -11.18 -12.53 15.78
C ILE B 222 -10.95 -13.95 16.33
N GLU B 223 -10.17 -14.04 17.39
CA GLU B 223 -9.85 -15.32 18.01
C GLU B 223 -10.96 -15.89 18.92
N MET B 224 -11.92 -15.05 19.31
CA MET B 224 -12.91 -15.39 20.33
C MET B 224 -12.27 -15.80 21.65
N LEU B 225 -11.26 -15.04 22.08
CA LEU B 225 -10.58 -15.23 23.34
C LEU B 225 -10.46 -13.90 24.06
N GLU B 226 -11.25 -13.73 25.10
CA GLU B 226 -11.26 -12.49 25.86
C GLU B 226 -9.89 -12.15 26.45
N GLN B 227 -9.12 -13.16 26.82
CA GLN B 227 -7.83 -12.93 27.48
C GLN B 227 -6.78 -12.14 26.63
N LEU B 228 -6.95 -12.11 25.31
CA LEU B 228 -6.06 -11.37 24.42
C LEU B 228 -6.16 -9.84 24.60
N ARG B 229 -7.28 -9.37 25.17
CA ARG B 229 -7.42 -7.97 25.53
C ARG B 229 -6.23 -7.54 26.38
N VAL B 230 -5.83 -8.42 27.31
CA VAL B 230 -4.71 -8.15 28.23
C VAL B 230 -3.38 -7.96 27.47
N LEU B 231 -3.08 -8.90 26.57
CA LEU B 231 -1.82 -8.79 25.81
C LEU B 231 -1.90 -7.64 24.82
N TRP B 232 -3.09 -7.41 24.28
CA TRP B 232 -3.27 -6.29 23.31
C TRP B 232 -2.91 -4.94 23.93
N TYR B 233 -3.26 -4.76 25.21
CA TYR B 233 -2.99 -3.50 25.91
C TYR B 233 -1.59 -3.46 26.55
N GLY B 234 -0.78 -4.47 26.26
CA GLY B 234 0.61 -4.45 26.68
C GLY B 234 0.79 -4.88 28.12
N GLU B 235 -0.19 -5.57 28.69
CA GLU B 235 -0.10 -6.12 30.06
C GLU B 235 0.26 -7.60 30.02
N LYS B 236 0.68 -8.14 31.15
CA LYS B 236 1.26 -9.48 31.19
C LYS B 236 0.36 -10.50 31.90
N ILE B 237 0.42 -11.76 31.43
CA ILE B 237 -0.30 -12.88 32.04
C ILE B 237 0.69 -14.00 32.33
N HIS B 238 0.85 -14.38 33.60
CA HIS B 238 1.71 -15.51 33.96
C HIS B 238 0.99 -16.85 33.78
N VAL B 239 1.71 -17.86 33.30
CA VAL B 239 1.15 -19.20 33.08
C VAL B 239 2.07 -20.26 33.72
N ALA B 240 1.55 -20.98 34.72
CA ALA B 240 2.27 -22.12 35.31
C ALA B 240 1.64 -23.41 34.78
N VAL B 241 2.43 -24.48 34.73
CA VAL B 241 1.92 -25.77 34.32
C VAL B 241 1.11 -26.29 35.47
N ALA B 242 -0.13 -26.72 35.22
CA ALA B 242 -1.00 -27.17 36.31
C ALA B 242 -0.32 -28.28 37.05
N GLN B 243 -0.25 -28.18 38.35
CA GLN B 243 0.45 -29.19 39.10
C GLN B 243 -0.34 -30.48 39.22
N GLU B 244 -1.49 -30.52 38.56
CA GLU B 244 -2.42 -31.62 38.67
C GLU B 244 -3.42 -31.41 37.54
N VAL B 245 -3.59 -32.42 36.69
CA VAL B 245 -4.38 -32.25 35.47
C VAL B 245 -5.85 -32.40 35.78
N PRO B 246 -6.65 -31.33 35.60
CA PRO B 246 -8.05 -31.46 35.97
C PRO B 246 -8.83 -32.25 34.93
N GLY B 247 -9.94 -32.84 35.34
CA GLY B 247 -10.88 -33.48 34.44
C GLY B 247 -11.64 -32.43 33.64
N THR B 248 -12.23 -32.85 32.53
CA THR B 248 -12.99 -31.92 31.69
C THR B 248 -14.19 -31.40 32.46
N GLY B 249 -14.59 -30.16 32.20
CA GLY B 249 -15.80 -29.57 32.78
C GLY B 249 -17.07 -30.29 32.37
N VAL B 250 -18.21 -29.84 32.91
CA VAL B 250 -19.50 -30.44 32.60
C VAL B 250 -20.33 -29.50 31.75
N ASP B 251 -20.26 -29.69 30.44
CA ASP B 251 -21.01 -28.90 29.48
C ASP B 251 -22.10 -29.73 28.74
N THR B 252 -22.02 -31.07 28.80
CA THR B 252 -22.92 -31.92 28.01
C THR B 252 -23.54 -33.07 28.81
N PRO B 253 -24.64 -33.65 28.31
CA PRO B 253 -25.18 -34.78 29.06
C PRO B 253 -24.16 -35.91 29.22
N GLU B 254 -23.35 -36.13 28.19
CA GLU B 254 -22.21 -37.06 28.27
C GLU B 254 -21.26 -36.67 29.41
N ASP B 255 -20.89 -35.40 29.52
CA ASP B 255 -20.01 -34.98 30.61
C ASP B 255 -20.65 -35.26 31.95
N LEU B 256 -21.97 -35.07 32.02
CA LEU B 256 -22.74 -35.27 33.25
C LEU B 256 -22.76 -36.72 33.70
N GLU B 257 -22.97 -37.62 32.76
CA GLU B 257 -22.97 -39.05 33.05
C GLU B 257 -21.60 -39.52 33.53
N ARG B 258 -20.55 -39.05 32.86
CA ARG B 258 -19.16 -39.28 33.26
C ARG B 258 -18.88 -38.84 34.71
N VAL B 259 -19.16 -37.58 34.99
CA VAL B 259 -18.89 -37.01 36.30
C VAL B 259 -19.74 -37.68 37.38
N ARG B 260 -20.97 -38.05 37.02
CA ARG B 260 -21.83 -38.78 37.96
C ARG B 260 -21.23 -40.11 38.39
N ALA B 261 -20.60 -40.82 37.46
CA ALA B 261 -20.07 -42.14 37.73
C ALA B 261 -18.72 -42.06 38.42
N GLU B 262 -18.06 -40.92 38.32
CA GLU B 262 -16.69 -40.74 38.85
C GLU B 262 -16.66 -40.18 40.27
N MET B 263 -17.70 -39.46 40.66
CA MET B 263 -17.84 -38.97 42.03
C MET B 263 -18.71 -39.95 42.79
N SER C 18 11.63 41.35 -33.58
CA SER C 18 10.59 40.29 -33.75
C SER C 18 11.05 38.93 -33.24
N PHE C 19 11.80 38.13 -34.02
CA PHE C 19 12.25 36.83 -33.52
C PHE C 19 13.53 36.26 -34.15
N VAL C 20 14.12 35.27 -33.45
CA VAL C 20 15.40 34.65 -33.82
C VAL C 20 15.23 33.16 -34.07
N VAL C 21 15.88 32.65 -35.12
CA VAL C 21 15.87 31.22 -35.41
C VAL C 21 17.24 30.59 -35.14
N ILE C 22 17.27 29.53 -34.33
CA ILE C 22 18.49 28.74 -34.05
C ILE C 22 18.31 27.34 -34.61
N ILE C 23 19.29 26.89 -35.40
CA ILE C 23 19.26 25.56 -36.02
C ILE C 23 20.36 24.65 -35.46
N PRO C 24 20.02 23.73 -34.56
CA PRO C 24 21.06 22.81 -34.06
C PRO C 24 21.44 21.67 -35.03
N ALA C 25 22.33 21.94 -35.98
CA ALA C 25 22.82 20.88 -36.86
C ALA C 25 23.36 19.72 -36.01
N ARG C 26 22.88 18.51 -36.30
CA ARG C 26 23.26 17.31 -35.58
C ARG C 26 24.09 16.49 -36.57
N TYR C 27 25.37 16.32 -36.31
CA TYR C 27 26.29 15.78 -37.31
C TYR C 27 26.28 14.26 -37.37
N ALA C 28 26.53 13.63 -36.23
CA ALA C 28 26.62 12.18 -36.15
C ALA C 28 25.23 11.59 -36.37
N SER C 29 25.19 10.58 -37.23
CA SER C 29 23.97 9.86 -37.49
C SER C 29 24.39 8.57 -38.13
N THR C 30 23.89 7.46 -37.60
CA THR C 30 23.82 6.22 -38.36
C THR C 30 22.70 6.44 -39.35
N ARG C 31 22.81 5.80 -40.52
CA ARG C 31 21.96 6.09 -41.70
C ARG C 31 22.59 7.18 -42.58
N LEU C 32 22.86 8.36 -42.01
CA LEU C 32 23.40 9.48 -42.78
C LEU C 32 24.63 10.10 -42.13
N PRO C 33 25.78 9.44 -42.29
CA PRO C 33 27.06 10.01 -41.90
C PRO C 33 27.19 11.44 -42.45
N GLY C 34 27.46 12.40 -41.57
CA GLY C 34 27.73 13.79 -41.99
C GLY C 34 26.50 14.55 -42.44
N LYS C 35 25.40 14.30 -41.75
CA LYS C 35 24.05 14.70 -42.18
C LYS C 35 23.85 16.12 -42.68
N PRO C 36 24.32 17.14 -41.91
CA PRO C 36 24.07 18.52 -42.36
C PRO C 36 24.71 18.86 -43.70
N LEU C 37 25.80 18.17 -44.03
CA LEU C 37 26.60 18.41 -45.26
C LEU C 37 26.19 17.56 -46.48
N VAL C 38 25.22 16.67 -46.31
CA VAL C 38 24.69 15.89 -47.42
C VAL C 38 24.12 16.80 -48.53
N ASP C 39 24.53 16.53 -49.76
CA ASP C 39 24.18 17.36 -50.92
C ASP C 39 22.75 17.16 -51.39
N ILE C 40 22.00 18.25 -51.49
CA ILE C 40 20.68 18.25 -52.10
C ILE C 40 20.70 19.25 -53.27
N ASN C 41 20.86 18.71 -54.49
CA ASN C 41 20.85 19.51 -55.73
C ASN C 41 21.75 20.74 -55.66
N GLY C 42 23.00 20.55 -55.23
CA GLY C 42 24.02 21.58 -55.33
C GLY C 42 24.33 22.34 -54.06
N LYS C 43 23.48 22.20 -53.04
CA LYS C 43 23.75 22.79 -51.74
C LYS C 43 23.65 21.75 -50.62
N PRO C 44 24.42 21.96 -49.53
CA PRO C 44 24.29 21.17 -48.30
C PRO C 44 22.92 21.34 -47.68
N MET C 45 22.40 20.25 -47.14
CA MET C 45 21.10 20.24 -46.50
C MET C 45 20.93 21.38 -45.50
N ILE C 46 21.96 21.62 -44.70
CA ILE C 46 21.92 22.70 -43.71
C ILE C 46 21.72 24.08 -44.35
N VAL C 47 22.26 24.31 -45.55
CA VAL C 47 22.09 25.60 -46.21
C VAL C 47 20.66 25.79 -46.68
N HIS C 48 20.02 24.71 -47.10
CA HIS C 48 18.61 24.74 -47.46
C HIS C 48 17.74 25.15 -46.27
N VAL C 49 18.05 24.62 -45.08
CA VAL C 49 17.27 25.00 -43.91
C VAL C 49 17.53 26.46 -43.57
N LEU C 50 18.77 26.91 -43.69
CA LEU C 50 19.10 28.32 -43.54
C LEU C 50 18.23 29.18 -44.47
N GLU C 51 18.07 28.78 -45.73
CA GLU C 51 17.20 29.51 -46.66
C GLU C 51 15.71 29.56 -46.24
N ARG C 52 15.15 28.46 -45.72
CA ARG C 52 13.78 28.48 -45.19
C ARG C 52 13.65 29.46 -44.03
N ALA C 53 14.62 29.42 -43.11
CA ALA C 53 14.58 30.29 -41.94
C ALA C 53 14.63 31.76 -42.35
N ARG C 54 15.45 32.08 -43.35
CA ARG C 54 15.52 33.46 -43.86
C ARG C 54 14.18 33.96 -44.37
N GLU C 55 13.53 33.13 -45.17
CA GLU C 55 12.22 33.44 -45.74
C GLU C 55 11.17 33.68 -44.64
N SER C 56 11.39 33.15 -43.43
CA SER C 56 10.44 33.36 -42.32
C SER C 56 10.43 34.80 -41.78
N GLY C 57 11.43 35.60 -42.17
CA GLY C 57 11.54 36.96 -41.68
C GLY C 57 12.31 37.10 -40.38
N ALA C 58 12.92 36.01 -39.92
CA ALA C 58 13.78 36.03 -38.74
C ALA C 58 14.93 37.03 -38.87
N GLU C 59 15.26 37.67 -37.74
CA GLU C 59 16.28 38.74 -37.70
C GLU C 59 17.69 38.19 -37.48
N ARG C 60 17.77 36.98 -36.94
CA ARG C 60 18.99 36.20 -36.83
C ARG C 60 18.68 34.74 -37.20
N ILE C 61 19.61 34.09 -37.90
CA ILE C 61 19.50 32.64 -38.15
C ILE C 61 20.83 32.02 -37.78
N ILE C 62 20.87 31.35 -36.63
CA ILE C 62 22.12 30.84 -36.11
C ILE C 62 22.18 29.32 -36.17
N VAL C 63 23.11 28.80 -36.96
CA VAL C 63 23.40 27.35 -37.00
C VAL C 63 24.38 27.00 -35.90
N ALA C 64 24.01 26.06 -35.04
CA ALA C 64 24.83 25.66 -33.91
C ALA C 64 25.54 24.34 -34.26
N THR C 65 26.86 24.33 -34.22
CA THR C 65 27.61 23.11 -34.48
C THR C 65 28.98 23.14 -33.78
N ASP C 66 29.49 21.95 -33.47
CA ASP C 66 30.86 21.75 -32.99
C ASP C 66 31.82 21.27 -34.11
N HIS C 67 31.34 21.21 -35.35
CA HIS C 67 32.14 20.77 -36.51
C HIS C 67 32.59 21.90 -37.44
N GLU C 68 33.89 21.99 -37.68
CA GLU C 68 34.46 23.00 -38.58
C GLU C 68 33.91 22.94 -40.00
N ASP C 69 33.83 21.72 -40.54
CA ASP C 69 33.35 21.53 -41.92
C ASP C 69 31.93 22.05 -42.12
N VAL C 70 31.06 21.89 -41.12
CA VAL C 70 29.70 22.42 -41.20
C VAL C 70 29.72 23.94 -41.12
N ALA C 71 30.52 24.47 -40.20
CA ALA C 71 30.67 25.91 -40.03
C ALA C 71 31.10 26.63 -41.31
N ARG C 72 32.03 26.05 -42.05
CA ARG C 72 32.50 26.72 -43.27
C ARG C 72 31.45 26.67 -44.38
N ALA C 73 30.71 25.55 -44.49
CA ALA C 73 29.58 25.49 -45.43
C ALA C 73 28.51 26.55 -45.16
N VAL C 74 28.13 26.75 -43.89
CA VAL C 74 27.14 27.80 -43.54
C VAL C 74 27.66 29.20 -43.86
N GLU C 75 28.92 29.44 -43.51
CA GLU C 75 29.58 30.72 -43.77
C GLU C 75 29.76 31.01 -45.27
N ALA C 76 30.14 30.02 -46.06
CA ALA C 76 30.13 30.15 -47.54
C ALA C 76 28.77 30.66 -48.08
N ALA C 77 27.66 30.19 -47.51
CA ALA C 77 26.33 30.71 -47.86
C ALA C 77 25.99 32.05 -47.18
N GLY C 78 26.91 32.60 -46.38
CA GLY C 78 26.63 33.84 -45.64
C GLY C 78 25.84 33.64 -44.37
N GLY C 79 25.87 32.45 -43.81
CA GLY C 79 25.16 32.18 -42.57
C GLY C 79 25.98 32.47 -41.31
N GLU C 80 25.28 32.87 -40.26
CA GLU C 80 25.87 33.02 -38.96
C GLU C 80 25.99 31.65 -38.29
N VAL C 81 27.13 31.41 -37.67
CA VAL C 81 27.42 30.17 -36.98
C VAL C 81 27.78 30.44 -35.53
N CYS C 82 27.35 29.54 -34.64
CA CYS C 82 27.77 29.56 -33.24
C CYS C 82 28.39 28.23 -32.87
N MET C 83 29.65 28.26 -32.45
CA MET C 83 30.37 27.03 -32.14
C MET C 83 30.03 26.58 -30.73
N THR C 84 29.58 25.33 -30.61
CA THR C 84 29.09 24.82 -29.35
C THR C 84 30.03 23.77 -28.79
N ARG C 85 29.82 23.41 -27.52
CA ARG C 85 30.68 22.42 -26.87
C ARG C 85 30.41 21.01 -27.37
N ALA C 86 31.47 20.20 -27.39
CA ALA C 86 31.38 18.80 -27.81
C ALA C 86 30.61 18.02 -26.75
N ASP C 87 31.12 18.07 -25.51
CA ASP C 87 30.48 17.41 -24.36
C ASP C 87 29.03 17.01 -24.67
N HIS C 88 28.86 15.77 -25.15
CA HIS C 88 27.60 15.26 -25.73
C HIS C 88 26.34 15.94 -25.16
N GLN C 89 25.56 16.57 -26.03
CA GLN C 89 24.48 17.45 -25.58
C GLN C 89 23.23 17.33 -26.43
N SER C 90 22.09 17.52 -25.78
CA SER C 90 20.81 17.65 -26.47
C SER C 90 20.75 18.97 -27.22
N GLY C 91 19.82 19.05 -28.16
CA GLY C 91 19.61 20.25 -28.98
C GLY C 91 19.18 21.45 -28.16
N THR C 92 18.48 21.18 -27.05
CA THR C 92 18.00 22.22 -26.15
C THR C 92 19.13 22.78 -25.28
N GLU C 93 20.00 21.91 -24.76
CA GLU C 93 21.21 22.38 -24.08
C GLU C 93 22.12 23.18 -25.05
N ARG C 94 22.20 22.74 -26.31
CA ARG C 94 22.97 23.47 -27.34
C ARG C 94 22.35 24.84 -27.66
N LEU C 95 21.02 24.91 -27.63
CA LEU C 95 20.32 26.21 -27.71
C LEU C 95 20.65 27.08 -26.50
N ALA C 96 20.68 26.49 -25.32
CA ALA C 96 21.06 27.24 -24.14
C ALA C 96 22.42 27.92 -24.37
N GLU C 97 23.38 27.17 -24.92
CA GLU C 97 24.75 27.68 -25.08
C GLU C 97 24.82 28.84 -26.04
N VAL C 98 24.03 28.78 -27.12
CA VAL C 98 23.97 29.82 -28.13
C VAL C 98 23.30 31.10 -27.62
N VAL C 99 22.28 30.92 -26.77
CA VAL C 99 21.57 32.03 -26.11
C VAL C 99 22.53 32.77 -25.18
N GLU C 100 23.37 32.03 -24.47
CA GLU C 100 24.45 32.58 -23.64
C GLU C 100 25.51 33.28 -24.48
N LYS C 101 26.02 32.62 -25.51
CA LYS C 101 27.09 33.20 -26.34
C LYS C 101 26.64 34.47 -27.07
N CYS C 102 25.38 34.54 -27.51
CA CYS C 102 24.84 35.73 -28.17
C CYS C 102 24.28 36.77 -27.22
N ALA C 103 24.10 36.42 -25.95
CA ALA C 103 23.62 37.37 -24.95
C ALA C 103 22.30 38.00 -25.34
N PHE C 104 21.36 37.19 -25.80
CA PHE C 104 20.02 37.66 -26.06
C PHE C 104 19.34 37.99 -24.75
N SER C 105 18.55 39.06 -24.78
CA SER C 105 17.75 39.46 -23.63
C SER C 105 16.67 38.40 -23.39
N ASP C 106 16.30 38.22 -22.12
CA ASP C 106 15.36 37.18 -21.68
C ASP C 106 14.07 37.07 -22.49
N ASP C 107 13.55 38.21 -22.95
CA ASP C 107 12.28 38.23 -23.70
C ASP C 107 12.42 38.08 -25.22
N THR C 108 13.63 37.88 -25.72
CA THR C 108 13.84 37.51 -27.13
C THR C 108 13.10 36.20 -27.49
N VAL C 109 12.28 36.25 -28.53
CA VAL C 109 11.58 35.06 -29.03
C VAL C 109 12.54 34.23 -29.90
N ILE C 110 12.65 32.94 -29.58
CA ILE C 110 13.61 32.03 -30.21
C ILE C 110 12.82 30.88 -30.79
N VAL C 111 13.04 30.53 -32.05
CA VAL C 111 12.41 29.33 -32.61
C VAL C 111 13.51 28.28 -32.96
N ASN C 112 13.32 27.07 -32.46
CA ASN C 112 14.22 25.97 -32.73
C ASN C 112 13.72 25.18 -33.93
N VAL C 113 14.49 25.21 -35.03
CA VAL C 113 14.19 24.47 -36.26
C VAL C 113 15.22 23.36 -36.47
N GLN C 114 14.78 22.11 -36.58
CA GLN C 114 15.74 21.02 -36.73
C GLN C 114 16.48 21.20 -38.03
N GLY C 115 17.73 20.74 -38.09
CA GLY C 115 18.56 20.95 -39.28
C GLY C 115 18.39 19.87 -40.33
N ASP C 116 17.45 18.97 -40.12
CA ASP C 116 17.09 17.96 -41.11
C ASP C 116 15.74 18.29 -41.78
N GLU C 117 15.43 19.58 -41.90
CA GLU C 117 14.16 20.02 -42.52
C GLU C 117 14.34 21.05 -43.63
N PRO C 118 14.95 20.63 -44.77
CA PRO C 118 15.22 21.52 -45.90
C PRO C 118 13.98 22.05 -46.61
N MET C 119 12.82 21.44 -46.33
CA MET C 119 11.57 21.83 -47.00
C MET C 119 10.56 22.42 -46.06
N ILE C 120 10.95 22.75 -44.83
CA ILE C 120 9.97 23.29 -43.88
C ILE C 120 9.43 24.61 -44.44
N PRO C 121 8.09 24.77 -44.47
CA PRO C 121 7.51 26.07 -44.87
C PRO C 121 7.87 27.22 -43.90
N ALA C 122 8.28 28.33 -44.47
CA ALA C 122 8.62 29.53 -43.69
C ALA C 122 7.40 29.98 -42.88
N THR C 123 6.21 29.70 -43.39
CA THR C 123 4.99 30.14 -42.76
C THR C 123 4.79 29.52 -41.36
N ILE C 124 5.08 28.23 -41.20
CA ILE C 124 4.95 27.59 -39.88
C ILE C 124 6.06 28.05 -38.90
N ILE C 125 7.22 28.44 -39.40
CA ILE C 125 8.26 29.00 -38.52
C ILE C 125 7.73 30.30 -37.88
N ARG C 126 7.14 31.15 -38.71
CA ARG C 126 6.52 32.42 -38.30
C ARG C 126 5.32 32.18 -37.38
N GLN C 127 4.52 31.17 -37.71
CA GLN C 127 3.34 30.80 -36.91
C GLN C 127 3.70 30.57 -35.43
N VAL C 128 4.71 29.73 -35.18
CA VAL C 128 5.14 29.43 -33.81
C VAL C 128 5.67 30.70 -33.12
N ALA C 129 6.40 31.51 -33.85
CA ALA C 129 6.92 32.75 -33.30
C ALA C 129 5.78 33.69 -32.85
N ASP C 130 4.80 33.89 -33.74
CA ASP C 130 3.61 34.73 -33.41
C ASP C 130 2.78 34.17 -32.27
N ASN C 131 2.63 32.85 -32.23
CA ASN C 131 1.90 32.19 -31.14
C ASN C 131 2.52 32.47 -29.79
N LEU C 132 3.85 32.53 -29.75
CA LEU C 132 4.59 32.72 -28.51
C LEU C 132 4.49 34.18 -28.11
N ALA C 133 4.67 35.07 -29.08
CA ALA C 133 4.67 36.52 -28.82
C ALA C 133 3.35 37.01 -28.22
N GLN C 134 2.22 36.47 -28.69
CA GLN C 134 0.89 36.96 -28.32
C GLN C 134 0.32 36.31 -27.05
N ARG C 135 1.15 35.53 -26.36
CA ARG C 135 0.73 34.85 -25.14
C ARG C 135 1.78 34.97 -24.04
N GLN C 136 1.38 34.65 -22.81
CA GLN C 136 2.28 34.73 -21.67
C GLN C 136 2.71 33.33 -21.21
N VAL C 137 3.06 32.48 -22.18
CA VAL C 137 3.50 31.12 -21.87
C VAL C 137 4.98 30.94 -22.15
N GLY C 138 5.57 29.95 -21.49
CA GLY C 138 6.99 29.67 -21.66
C GLY C 138 7.37 29.14 -23.04
N MET C 139 6.48 28.34 -23.62
CA MET C 139 6.82 27.53 -24.81
C MET C 139 5.62 27.32 -25.73
N ALA C 140 5.83 27.48 -27.04
CA ALA C 140 4.79 27.22 -28.06
C ALA C 140 5.26 26.13 -29.03
N THR C 141 4.34 25.40 -29.62
CA THR C 141 4.68 24.37 -30.58
C THR C 141 3.52 24.11 -31.55
N LEU C 142 3.64 23.09 -32.39
CA LEU C 142 2.73 22.89 -33.52
C LEU C 142 2.31 21.43 -33.64
N ALA C 143 1.13 21.17 -34.21
CA ALA C 143 0.64 19.81 -34.46
C ALA C 143 -0.15 19.77 -35.75
N VAL C 144 -0.34 18.56 -36.28
CA VAL C 144 -1.13 18.33 -37.47
C VAL C 144 -2.05 17.13 -37.25
N PRO C 145 -3.23 17.16 -37.90
CA PRO C 145 -4.17 16.06 -37.70
C PRO C 145 -3.60 14.74 -38.18
N ILE C 146 -3.99 13.65 -37.53
CA ILE C 146 -3.67 12.29 -37.98
C ILE C 146 -4.90 11.69 -38.68
N HIS C 147 -4.68 10.98 -39.77
CA HIS C 147 -5.79 10.33 -40.47
C HIS C 147 -5.61 8.84 -40.68
N ASN C 148 -4.43 8.29 -40.41
CA ASN C 148 -4.19 6.86 -40.56
C ASN C 148 -4.11 6.19 -39.20
N ALA C 149 -4.81 5.06 -39.08
CA ALA C 149 -4.72 4.20 -37.92
C ALA C 149 -3.27 3.78 -37.69
N GLU C 150 -2.61 3.35 -38.75
CA GLU C 150 -1.21 2.94 -38.67
C GLU C 150 -0.37 3.97 -37.94
N GLU C 151 -0.57 5.23 -38.31
CA GLU C 151 0.18 6.36 -37.74
C GLU C 151 -0.30 6.68 -36.34
N ALA C 152 -1.60 6.48 -36.09
CA ALA C 152 -2.16 6.66 -34.76
C ALA C 152 -1.58 5.68 -33.72
N PHE C 153 -1.32 4.44 -34.14
CA PHE C 153 -0.73 3.42 -33.26
C PHE C 153 0.80 3.33 -33.40
N ASN C 154 1.37 4.16 -34.26
CA ASN C 154 2.81 4.32 -34.37
C ASN C 154 3.38 5.05 -33.14
N PRO C 155 4.21 4.36 -32.34
CA PRO C 155 4.89 5.05 -31.25
C PRO C 155 5.93 6.07 -31.72
N ASN C 156 6.44 5.96 -32.93
CA ASN C 156 7.29 7.03 -33.48
C ASN C 156 6.57 8.35 -33.72
N ALA C 157 5.25 8.32 -33.81
CA ALA C 157 4.47 9.54 -33.98
C ALA C 157 4.00 9.99 -32.62
N VAL C 158 4.31 11.22 -32.22
CA VAL C 158 3.91 11.67 -30.89
C VAL C 158 2.52 12.29 -30.94
N LYS C 159 1.62 11.79 -30.10
CA LYS C 159 0.27 12.32 -30.08
C LYS C 159 0.12 13.33 -28.94
N VAL C 160 -0.78 14.27 -29.14
CA VAL C 160 -0.94 15.35 -28.18
C VAL C 160 -2.42 15.63 -28.02
N VAL C 161 -2.89 15.79 -26.80
CA VAL C 161 -4.27 16.21 -26.61
C VAL C 161 -4.30 17.56 -25.91
N LEU C 162 -5.29 18.37 -26.26
CA LEU C 162 -5.29 19.77 -25.91
C LEU C 162 -6.50 20.12 -25.05
N ASP C 163 -6.40 21.19 -24.25
CA ASP C 163 -7.55 21.75 -23.56
C ASP C 163 -8.24 22.80 -24.45
N ALA C 164 -9.25 23.50 -23.92
CA ALA C 164 -10.08 24.38 -24.76
C ALA C 164 -9.29 25.52 -25.40
N GLU C 165 -8.22 25.94 -24.76
CA GLU C 165 -7.50 27.11 -25.23
C GLU C 165 -6.26 26.77 -26.01
N GLY C 166 -6.03 25.47 -26.24
CA GLY C 166 -4.90 25.01 -27.05
C GLY C 166 -3.65 24.63 -26.27
N TYR C 167 -3.72 24.66 -24.96
CA TYR C 167 -2.58 24.20 -24.17
C TYR C 167 -2.57 22.66 -24.13
N ALA C 168 -1.37 22.11 -24.14
CA ALA C 168 -1.19 20.66 -24.13
C ALA C 168 -1.57 20.16 -22.76
N LEU C 169 -2.50 19.20 -22.71
CA LEU C 169 -2.72 18.46 -21.49
C LEU C 169 -1.61 17.43 -21.34
N TYR C 170 -1.28 16.72 -22.41
CA TYR C 170 -0.29 15.65 -22.35
C TYR C 170 0.24 15.30 -23.73
N PHE C 171 1.50 14.90 -23.80
CA PHE C 171 2.11 14.31 -25.03
C PHE C 171 2.42 12.86 -24.71
N SER C 172 2.23 11.96 -25.68
CA SER C 172 2.48 10.53 -25.45
C SER C 172 2.75 9.77 -26.71
N ARG C 173 3.40 8.64 -26.54
CA ARG C 173 3.62 7.75 -27.66
C ARG C 173 2.47 6.77 -27.73
N ALA C 174 1.71 6.65 -26.65
CA ALA C 174 0.44 5.94 -26.65
C ALA C 174 -0.58 6.64 -27.56
N THR C 175 -1.62 5.91 -27.94
CA THR C 175 -2.64 6.44 -28.82
C THR C 175 -3.65 7.17 -27.95
N ILE C 176 -3.49 8.49 -27.85
CA ILE C 176 -4.43 9.33 -27.11
C ILE C 176 -5.02 10.45 -28.01
N PRO C 177 -6.31 10.76 -27.85
CA PRO C 177 -7.22 10.14 -26.88
C PRO C 177 -7.61 8.76 -27.36
N TRP C 178 -7.90 7.86 -26.44
CA TRP C 178 -8.32 6.54 -26.81
C TRP C 178 -9.77 6.59 -27.29
N ASP C 179 -9.99 6.35 -28.58
CA ASP C 179 -11.34 6.44 -29.14
C ASP C 179 -11.83 5.06 -29.53
N ARG C 180 -12.38 4.34 -28.57
CA ARG C 180 -12.88 3.01 -28.84
C ARG C 180 -13.69 3.00 -30.11
N ASP C 181 -14.67 3.89 -30.17
CA ASP C 181 -15.63 3.90 -31.25
C ASP C 181 -15.01 3.86 -32.61
N ARG C 182 -14.13 4.80 -32.92
CA ARG C 182 -13.47 4.70 -34.20
C ARG C 182 -12.97 3.27 -34.38
N PHE C 183 -12.05 2.85 -33.53
CA PHE C 183 -11.55 1.49 -33.59
C PHE C 183 -12.74 0.57 -33.63
N ALA C 184 -12.91 -0.18 -34.70
CA ALA C 184 -14.14 -0.91 -34.96
C ALA C 184 -14.68 -0.39 -36.29
N GLU C 185 -14.80 -1.31 -37.25
CA GLU C 185 -14.97 -0.97 -38.67
C GLU C 185 -13.65 -0.47 -39.32
N GLY C 186 -12.51 -0.83 -38.72
CA GLY C 186 -11.20 -0.53 -39.29
C GLY C 186 -10.92 0.95 -39.48
N VAL C 190 -9.79 5.81 -39.04
CA VAL C 190 -9.68 6.61 -37.80
C VAL C 190 -10.12 8.05 -38.06
N GLY C 191 -10.69 8.68 -37.03
CA GLY C 191 -11.50 9.89 -37.22
C GLY C 191 -10.73 11.20 -37.35
N ASP C 192 -11.05 12.15 -36.47
CA ASP C 192 -10.59 13.54 -36.59
C ASP C 192 -10.18 14.21 -35.29
N ASN C 193 -9.93 13.40 -34.25
CA ASN C 193 -9.60 13.89 -32.91
C ASN C 193 -8.10 13.75 -32.58
N PHE C 194 -7.35 13.10 -33.47
CA PHE C 194 -5.94 12.83 -33.25
C PHE C 194 -5.06 13.91 -33.86
N LEU C 195 -4.14 14.41 -33.03
CA LEU C 195 -3.11 15.35 -33.45
C LEU C 195 -1.71 14.73 -33.34
N ARG C 196 -0.86 14.90 -34.35
CA ARG C 196 0.55 14.49 -34.29
C ARG C 196 1.36 15.73 -33.94
N HIS C 197 2.26 15.63 -32.97
CA HIS C 197 3.08 16.77 -32.53
C HIS C 197 4.27 16.92 -33.46
N LEU C 198 4.46 18.13 -33.98
CA LEU C 198 5.60 18.46 -34.83
C LEU C 198 6.76 18.93 -33.93
N GLY C 199 7.98 18.56 -34.30
CA GLY C 199 9.16 18.89 -33.50
C GLY C 199 9.75 20.25 -33.84
N ILE C 200 8.93 21.30 -33.78
CA ILE C 200 9.38 22.68 -33.92
C ILE C 200 8.87 23.44 -32.70
N TYR C 201 9.73 24.25 -32.09
CA TYR C 201 9.38 24.87 -30.81
C TYR C 201 9.68 26.35 -30.78
N GLY C 202 8.89 27.10 -30.02
CA GLY C 202 9.21 28.52 -29.80
C GLY C 202 9.25 28.77 -28.31
N TYR C 203 10.23 29.56 -27.86
CA TYR C 203 10.33 29.95 -26.46
C TYR C 203 10.94 31.33 -26.35
N ARG C 204 10.81 31.94 -25.18
CA ARG C 204 11.57 33.15 -24.86
C ARG C 204 12.95 32.72 -24.37
N ALA C 205 13.98 33.52 -24.64
CA ALA C 205 15.34 33.25 -24.20
C ALA C 205 15.44 32.91 -22.70
N GLY C 206 14.69 33.65 -21.87
CA GLY C 206 14.70 33.44 -20.42
C GLY C 206 14.13 32.09 -20.01
N PHE C 207 13.13 31.62 -20.73
CA PHE C 207 12.61 30.30 -20.45
C PHE C 207 13.67 29.21 -20.67
N ILE C 208 14.44 29.34 -21.74
CA ILE C 208 15.49 28.40 -22.08
C ILE C 208 16.55 28.30 -20.99
N ARG C 209 17.01 29.42 -20.47
CA ARG C 209 18.01 29.43 -19.38
C ARG C 209 17.57 28.68 -18.14
N ARG C 210 16.29 28.84 -17.77
CA ARG C 210 15.69 28.19 -16.62
C ARG C 210 15.54 26.71 -16.89
N TYR C 211 14.88 26.42 -18.00
CA TYR C 211 14.56 25.07 -18.38
C TYR C 211 15.73 24.10 -18.29
N VAL C 212 16.89 24.50 -18.80
CA VAL C 212 18.06 23.60 -18.82
C VAL C 212 18.61 23.36 -17.42
N ASN C 213 18.34 24.28 -16.51
CA ASN C 213 18.72 24.12 -15.11
C ASN C 213 17.75 23.26 -14.27
N TRP C 214 16.62 22.85 -14.83
CA TRP C 214 15.73 21.95 -14.10
C TRP C 214 16.24 20.53 -14.09
N GLN C 215 16.11 19.88 -12.94
CA GLN C 215 16.36 18.46 -12.84
C GLN C 215 15.43 17.75 -13.84
N PRO C 216 15.92 16.72 -14.54
CA PRO C 216 15.03 16.00 -15.46
C PRO C 216 13.93 15.23 -14.75
N SER C 217 12.77 15.11 -15.40
CA SER C 217 11.63 14.43 -14.80
C SER C 217 11.65 12.91 -15.08
N PRO C 218 11.08 12.10 -14.16
CA PRO C 218 11.00 10.65 -14.40
C PRO C 218 10.14 10.31 -15.61
N LEU C 219 9.10 11.11 -15.81
CA LEU C 219 8.22 11.02 -16.98
C LEU C 219 8.97 11.00 -18.29
N GLU C 220 9.92 11.92 -18.42
CA GLU C 220 10.55 12.10 -19.72
C GLU C 220 11.42 10.91 -20.12
N HIS C 221 11.90 10.16 -19.12
CA HIS C 221 12.63 8.93 -19.40
C HIS C 221 11.73 7.77 -19.78
N ILE C 222 10.50 7.78 -19.28
CA ILE C 222 9.58 6.70 -19.57
C ILE C 222 9.07 6.86 -20.99
N GLU C 223 8.61 8.07 -21.30
CA GLU C 223 8.04 8.37 -22.60
C GLU C 223 9.09 8.64 -23.69
N MET C 224 10.32 8.98 -23.29
CA MET C 224 11.37 9.48 -24.20
C MET C 224 10.93 10.73 -24.92
N LEU C 225 10.34 11.66 -24.15
CA LEU C 225 9.86 12.93 -24.65
C LEU C 225 10.31 14.05 -23.72
N GLU C 226 11.35 14.78 -24.15
CA GLU C 226 11.91 15.85 -23.32
C GLU C 226 10.89 16.90 -22.94
N GLN C 227 9.96 17.22 -23.85
CA GLN C 227 8.97 18.27 -23.58
C GLN C 227 8.08 18.02 -22.35
N LEU C 228 7.96 16.77 -21.90
CA LEU C 228 7.15 16.47 -20.71
C LEU C 228 7.71 17.09 -19.43
N ARG C 229 9.01 17.43 -19.45
CA ARG C 229 9.65 18.12 -18.33
C ARG C 229 8.92 19.41 -18.01
N VAL C 230 8.46 20.10 -19.05
CA VAL C 230 7.71 21.36 -18.87
C VAL C 230 6.37 21.15 -18.16
N LEU C 231 5.60 20.16 -18.61
CA LEU C 231 4.30 19.89 -17.97
C LEU C 231 4.56 19.39 -16.55
N TRP C 232 5.58 18.56 -16.37
CA TRP C 232 5.86 17.98 -15.04
C TRP C 232 6.11 19.05 -13.98
N TYR C 233 6.71 20.17 -14.38
CA TYR C 233 6.99 21.29 -13.47
C TYR C 233 5.87 22.32 -13.40
N GLY C 234 4.72 22.02 -14.02
CA GLY C 234 3.53 22.85 -13.86
C GLY C 234 3.48 23.99 -14.84
N GLU C 235 4.28 23.92 -15.89
CA GLU C 235 4.40 24.99 -16.89
C GLU C 235 3.66 24.63 -18.15
N LYS C 236 3.37 25.63 -18.98
CA LYS C 236 2.42 25.46 -20.04
C LYS C 236 3.11 25.45 -21.41
N ILE C 237 2.60 24.59 -22.31
CA ILE C 237 2.97 24.59 -23.72
C ILE C 237 1.73 24.80 -24.59
N HIS C 238 1.73 25.87 -25.40
CA HIS C 238 0.64 26.12 -26.35
C HIS C 238 0.88 25.39 -27.66
N VAL C 239 -0.17 24.81 -28.22
CA VAL C 239 -0.09 24.01 -29.44
C VAL C 239 -1.11 24.53 -30.43
N ALA C 240 -0.64 25.00 -31.59
CA ALA C 240 -1.52 25.46 -32.68
C ALA C 240 -1.46 24.41 -33.79
N VAL C 241 -2.55 24.26 -34.55
CA VAL C 241 -2.57 23.36 -35.69
C VAL C 241 -1.76 23.99 -36.79
N ALA C 242 -0.80 23.26 -37.33
CA ALA C 242 0.07 23.80 -38.39
C ALA C 242 -0.75 24.38 -39.54
N GLN C 243 -0.52 25.65 -39.78
CA GLN C 243 -1.05 26.39 -40.91
C GLN C 243 -0.88 25.71 -42.27
N GLU C 244 -0.04 24.68 -42.33
CA GLU C 244 0.46 24.13 -43.58
C GLU C 244 1.24 22.87 -43.18
N VAL C 245 0.94 21.72 -43.79
CA VAL C 245 1.45 20.43 -43.28
C VAL C 245 2.83 20.11 -43.84
N PRO C 246 3.88 20.20 -43.02
CA PRO C 246 5.23 20.02 -43.57
C PRO C 246 5.53 18.58 -44.01
N GLY C 247 6.45 18.43 -44.96
CA GLY C 247 6.92 17.11 -45.41
C GLY C 247 7.83 16.51 -44.36
N THR C 248 8.02 15.19 -44.40
CA THR C 248 8.85 14.52 -43.40
C THR C 248 10.30 14.97 -43.51
N GLY C 249 10.99 15.00 -42.37
CA GLY C 249 12.40 15.37 -42.35
C GLY C 249 13.28 14.37 -43.09
N VAL C 250 14.59 14.62 -43.06
CA VAL C 250 15.53 13.77 -43.75
C VAL C 250 16.41 13.02 -42.75
N ASP C 251 16.04 11.78 -42.46
CA ASP C 251 16.79 10.94 -41.54
C ASP C 251 17.39 9.70 -42.18
N THR C 252 16.90 9.31 -43.36
CA THR C 252 17.34 8.10 -44.04
C THR C 252 17.69 8.38 -45.50
N PRO C 253 18.44 7.47 -46.15
CA PRO C 253 18.69 7.60 -47.61
C PRO C 253 17.42 7.73 -48.43
N GLU C 254 16.36 7.05 -47.99
CA GLU C 254 15.06 7.14 -48.63
C GLU C 254 14.52 8.56 -48.58
N ASP C 255 14.60 9.18 -47.40
CA ASP C 255 14.12 10.56 -47.25
C ASP C 255 14.94 11.47 -48.14
N LEU C 256 16.24 11.17 -48.25
CA LEU C 256 17.17 11.94 -49.08
C LEU C 256 16.82 11.82 -50.57
N GLU C 257 16.61 10.61 -51.02
CA GLU C 257 16.19 10.40 -52.41
C GLU C 257 14.89 11.17 -52.73
N ARG C 258 13.94 11.12 -51.80
CA ARG C 258 12.65 11.81 -51.93
C ARG C 258 12.82 13.33 -52.04
N VAL C 259 13.46 13.93 -51.05
CA VAL C 259 13.69 15.37 -51.01
C VAL C 259 14.49 15.82 -52.23
N ARG C 260 15.43 14.99 -52.68
CA ARG C 260 16.17 15.33 -53.89
C ARG C 260 15.29 15.50 -55.11
N ALA C 261 14.24 14.67 -55.23
CA ALA C 261 13.34 14.71 -56.39
C ALA C 261 12.32 15.83 -56.29
N GLU C 262 12.05 16.32 -55.08
CA GLU C 262 11.18 17.50 -54.88
C GLU C 262 11.92 18.72 -54.31
N SER D 18 -16.81 20.88 8.75
CA SER D 18 -15.67 20.26 8.03
C SER D 18 -16.13 19.68 6.68
N PHE D 19 -16.69 18.47 6.64
CA PHE D 19 -17.18 17.91 5.34
C PHE D 19 -18.39 16.95 5.38
N VAL D 20 -18.95 16.76 4.17
CA VAL D 20 -20.21 16.10 3.91
C VAL D 20 -19.99 14.98 2.89
N VAL D 21 -20.62 13.82 3.06
CA VAL D 21 -20.51 12.74 2.04
C VAL D 21 -21.85 12.57 1.33
N ILE D 22 -21.84 12.57 0.00
CA ILE D 22 -23.03 12.26 -0.79
C ILE D 22 -22.79 10.97 -1.60
N ILE D 23 -23.71 10.00 -1.46
CA ILE D 23 -23.64 8.71 -2.16
C ILE D 23 -24.77 8.60 -3.17
N PRO D 24 -24.44 8.71 -4.47
CA PRO D 24 -25.46 8.52 -5.48
C PRO D 24 -25.70 7.04 -5.73
N ALA D 25 -26.70 6.46 -5.06
CA ALA D 25 -27.05 5.08 -5.25
C ALA D 25 -27.64 4.84 -6.65
N ARG D 26 -26.86 4.32 -7.60
CA ARG D 26 -27.46 3.93 -8.90
C ARG D 26 -28.21 2.60 -8.80
N TYR D 27 -29.49 2.63 -9.14
CA TYR D 27 -30.41 1.51 -8.96
C TYR D 27 -30.35 0.51 -10.12
N ALA D 28 -30.74 0.96 -11.31
CA ALA D 28 -30.88 0.06 -12.47
C ALA D 28 -29.52 -0.46 -12.90
N SER D 29 -29.47 -1.77 -13.15
CA SER D 29 -28.24 -2.42 -13.57
C SER D 29 -28.57 -3.83 -14.02
N THR D 30 -28.48 -4.12 -15.32
CA THR D 30 -28.41 -5.51 -15.76
C THR D 30 -27.13 -6.00 -15.10
N ARG D 31 -27.09 -7.27 -14.71
CA ARG D 31 -25.91 -7.88 -14.05
C ARG D 31 -25.96 -7.74 -12.51
N LEU D 32 -26.67 -6.74 -11.98
CA LEU D 32 -26.99 -6.65 -10.53
C LEU D 32 -28.31 -5.89 -10.31
N PRO D 33 -29.42 -6.41 -10.85
CA PRO D 33 -30.70 -5.70 -10.95
C PRO D 33 -30.92 -4.56 -9.95
N GLY D 34 -31.16 -4.83 -8.66
CA GLY D 34 -31.47 -3.72 -7.72
C GLY D 34 -30.26 -3.38 -6.85
N LYS D 35 -29.15 -3.03 -7.50
CA LYS D 35 -27.82 -3.07 -6.87
C LYS D 35 -27.71 -2.51 -5.42
N PRO D 36 -28.27 -1.32 -5.14
CA PRO D 36 -28.13 -0.77 -3.78
C PRO D 36 -28.74 -1.63 -2.65
N LEU D 37 -29.75 -2.43 -2.99
CA LEU D 37 -30.51 -3.21 -2.01
C LEU D 37 -30.07 -4.68 -1.93
N VAL D 38 -29.06 -5.03 -2.73
CA VAL D 38 -28.46 -6.36 -2.69
C VAL D 38 -27.94 -6.67 -1.27
N ASP D 39 -28.39 -7.79 -0.70
CA ASP D 39 -28.02 -8.21 0.66
C ASP D 39 -26.55 -8.65 0.81
N ILE D 40 -25.87 -8.06 1.80
CA ILE D 40 -24.56 -8.51 2.26
C ILE D 40 -24.61 -8.75 3.78
N ASN D 41 -24.88 -9.99 4.18
CA ASN D 41 -24.86 -10.38 5.58
C ASN D 41 -25.86 -9.60 6.47
N GLY D 42 -27.09 -9.46 5.99
CA GLY D 42 -28.19 -8.94 6.82
C GLY D 42 -28.46 -7.45 6.67
N LYS D 43 -27.71 -6.81 5.79
CA LYS D 43 -27.86 -5.38 5.54
C LYS D 43 -27.61 -5.10 4.07
N PRO D 44 -28.41 -4.20 3.45
CA PRO D 44 -28.16 -3.91 2.04
C PRO D 44 -26.84 -3.18 1.83
N MET D 45 -26.27 -3.37 0.64
CA MET D 45 -25.00 -2.76 0.28
C MET D 45 -24.94 -1.27 0.55
N ILE D 46 -26.02 -0.54 0.26
CA ILE D 46 -26.04 0.91 0.49
C ILE D 46 -25.86 1.25 1.98
N VAL D 47 -26.36 0.39 2.87
CA VAL D 47 -26.22 0.63 4.30
C VAL D 47 -24.75 0.43 4.73
N HIS D 48 -24.10 -0.59 4.17
CA HIS D 48 -22.69 -0.80 4.42
C HIS D 48 -21.89 0.43 4.02
N VAL D 49 -22.25 1.07 2.90
CA VAL D 49 -21.49 2.25 2.43
C VAL D 49 -21.70 3.44 3.37
N LEU D 50 -22.96 3.61 3.80
CA LEU D 50 -23.32 4.62 4.79
C LEU D 50 -22.50 4.52 6.07
N GLU D 51 -22.17 3.30 6.47
CA GLU D 51 -21.42 3.07 7.71
C GLU D 51 -19.96 3.46 7.54
N ARG D 52 -19.37 3.13 6.39
CA ARG D 52 -18.05 3.64 6.05
C ARG D 52 -18.01 5.16 6.10
N ALA D 53 -19.03 5.81 5.55
CA ALA D 53 -19.07 7.27 5.53
C ALA D 53 -19.22 7.88 6.94
N ARG D 54 -19.98 7.22 7.80
CA ARG D 54 -20.09 7.65 9.21
C ARG D 54 -18.74 7.69 9.88
N GLU D 55 -17.96 6.62 9.68
CA GLU D 55 -16.66 6.48 10.29
C GLU D 55 -15.63 7.55 9.86
N SER D 56 -15.92 8.30 8.81
CA SER D 56 -14.96 9.30 8.34
C SER D 56 -14.99 10.63 9.11
N GLY D 57 -15.98 10.80 9.99
CA GLY D 57 -16.25 12.10 10.62
C GLY D 57 -17.05 13.06 9.75
N ALA D 58 -17.68 12.56 8.68
CA ALA D 58 -18.52 13.42 7.87
C ALA D 58 -19.62 13.99 8.76
N GLU D 59 -19.86 15.29 8.69
CA GLU D 59 -20.91 15.87 9.52
C GLU D 59 -22.28 15.61 8.88
N ARG D 60 -22.30 15.07 7.66
CA ARG D 60 -23.52 14.64 7.00
C ARG D 60 -23.26 13.54 5.97
N ILE D 61 -24.14 12.55 5.94
CA ILE D 61 -24.05 11.49 4.93
C ILE D 61 -25.38 11.33 4.26
N ILE D 62 -25.47 11.75 3.00
CA ILE D 62 -26.76 11.73 2.30
C ILE D 62 -26.69 10.71 1.18
N VAL D 63 -27.63 9.79 1.14
CA VAL D 63 -27.82 8.96 -0.05
C VAL D 63 -28.83 9.63 -0.99
N ALA D 64 -28.46 9.71 -2.27
CA ALA D 64 -29.26 10.36 -3.31
C ALA D 64 -29.89 9.28 -4.14
N THR D 65 -31.21 9.24 -4.19
CA THR D 65 -31.88 8.17 -4.88
C THR D 65 -33.20 8.67 -5.39
N ASP D 66 -33.71 8.00 -6.42
CA ASP D 66 -35.05 8.27 -6.90
C ASP D 66 -36.04 7.14 -6.56
N HIS D 67 -35.62 6.19 -5.73
CA HIS D 67 -36.43 5.01 -5.40
C HIS D 67 -36.85 4.98 -3.93
N GLU D 68 -38.11 4.65 -3.70
CA GLU D 68 -38.66 4.66 -2.36
C GLU D 68 -38.15 3.49 -1.56
N ASP D 69 -37.98 2.32 -2.19
CA ASP D 69 -37.42 1.17 -1.50
C ASP D 69 -35.99 1.43 -1.00
N VAL D 70 -35.17 2.10 -1.81
CA VAL D 70 -33.84 2.51 -1.37
C VAL D 70 -33.93 3.54 -0.24
N ALA D 71 -34.83 4.50 -0.37
CA ALA D 71 -35.04 5.52 0.67
C ALA D 71 -35.46 4.90 2.00
N ARG D 72 -36.35 3.92 1.97
CA ARG D 72 -36.82 3.28 3.21
C ARG D 72 -35.73 2.43 3.89
N ALA D 73 -34.88 1.77 3.11
CA ALA D 73 -33.81 0.96 3.67
C ALA D 73 -32.76 1.86 4.33
N VAL D 74 -32.45 3.00 3.70
CA VAL D 74 -31.46 3.89 4.26
C VAL D 74 -31.97 4.56 5.54
N GLU D 75 -33.22 4.99 5.51
CA GLU D 75 -33.87 5.61 6.66
C GLU D 75 -34.06 4.64 7.84
N ALA D 76 -34.24 3.35 7.57
CA ALA D 76 -34.46 2.38 8.67
C ALA D 76 -33.18 2.27 9.51
N ALA D 77 -32.03 2.41 8.83
CA ALA D 77 -30.71 2.39 9.46
C ALA D 77 -30.32 3.79 9.93
N GLY D 78 -31.24 4.74 9.92
CA GLY D 78 -30.98 6.07 10.49
C GLY D 78 -30.21 6.99 9.57
N GLY D 79 -30.16 6.65 8.29
CA GLY D 79 -29.41 7.43 7.31
C GLY D 79 -30.25 8.50 6.66
N GLU D 80 -29.63 9.64 6.39
CA GLU D 80 -30.32 10.73 5.71
C GLU D 80 -30.47 10.44 4.22
N VAL D 81 -31.65 10.75 3.67
CA VAL D 81 -31.92 10.59 2.24
C VAL D 81 -32.35 11.89 1.61
N CYS D 82 -31.94 12.11 0.36
CA CYS D 82 -32.44 13.19 -0.48
C CYS D 82 -32.99 12.61 -1.78
N MET D 83 -34.27 12.83 -2.04
CA MET D 83 -34.88 12.28 -3.24
C MET D 83 -34.49 13.16 -4.42
N THR D 84 -34.22 12.52 -5.56
CA THR D 84 -33.65 13.19 -6.73
C THR D 84 -34.50 12.91 -7.95
N ARG D 85 -34.28 13.69 -9.00
CA ARG D 85 -35.06 13.65 -10.26
C ARG D 85 -35.23 12.21 -10.81
N ALA D 86 -36.43 11.86 -11.22
CA ALA D 86 -36.70 10.60 -11.94
C ALA D 86 -36.15 10.58 -13.37
N ASP D 87 -35.89 11.76 -13.96
CA ASP D 87 -35.20 11.85 -15.25
C ASP D 87 -33.76 11.41 -15.03
N HIS D 88 -33.12 10.86 -16.05
CA HIS D 88 -31.78 10.32 -15.89
C HIS D 88 -30.72 11.42 -15.58
N GLN D 89 -29.85 11.13 -14.61
CA GLN D 89 -28.79 12.03 -14.27
C GLN D 89 -27.49 11.24 -14.07
N SER D 90 -26.36 11.88 -14.35
CA SER D 90 -25.09 11.31 -13.95
C SER D 90 -24.98 11.36 -12.43
N GLY D 91 -24.01 10.63 -11.90
CA GLY D 91 -23.68 10.73 -10.50
C GLY D 91 -23.47 12.16 -10.08
N THR D 92 -22.73 12.93 -10.88
CA THR D 92 -22.43 14.32 -10.50
C THR D 92 -23.69 15.22 -10.55
N GLU D 93 -24.49 15.04 -11.60
CA GLU D 93 -25.72 15.77 -11.73
C GLU D 93 -26.68 15.52 -10.55
N ARG D 94 -26.66 14.32 -9.98
CA ARG D 94 -27.43 14.05 -8.77
C ARG D 94 -26.88 14.73 -7.54
N LEU D 95 -25.55 14.70 -7.38
CA LEU D 95 -24.92 15.45 -6.31
C LEU D 95 -25.33 16.92 -6.40
N ALA D 96 -25.28 17.51 -7.58
CA ALA D 96 -25.63 18.91 -7.72
C ALA D 96 -27.09 19.17 -7.29
N GLU D 97 -28.01 18.25 -7.60
CA GLU D 97 -29.39 18.40 -7.08
C GLU D 97 -29.38 18.39 -5.54
N VAL D 98 -28.59 17.51 -4.95
CA VAL D 98 -28.58 17.38 -3.50
C VAL D 98 -28.07 18.67 -2.85
N VAL D 99 -27.01 19.23 -3.44
CA VAL D 99 -26.43 20.50 -3.00
C VAL D 99 -27.47 21.60 -2.98
N GLU D 100 -28.29 21.69 -4.03
CA GLU D 100 -29.38 22.68 -4.07
C GLU D 100 -30.49 22.39 -3.08
N LYS D 101 -30.92 21.13 -2.98
CA LYS D 101 -32.04 20.81 -2.07
C LYS D 101 -31.65 20.96 -0.61
N CYS D 102 -30.42 20.60 -0.28
CA CYS D 102 -29.93 20.75 1.08
C CYS D 102 -29.42 22.11 1.40
N ALA D 103 -29.29 22.97 0.40
CA ALA D 103 -28.90 24.36 0.60
C ALA D 103 -27.56 24.51 1.31
N PHE D 104 -26.58 23.65 0.98
CA PHE D 104 -25.23 23.88 1.45
C PHE D 104 -24.66 25.17 0.86
N SER D 105 -23.84 25.87 1.66
CA SER D 105 -23.09 27.02 1.19
C SER D 105 -21.99 26.60 0.22
N ASP D 106 -21.63 27.51 -0.67
CA ASP D 106 -20.66 27.26 -1.71
C ASP D 106 -19.33 26.68 -1.21
N ASP D 107 -18.84 27.16 -0.07
CA ASP D 107 -17.57 26.67 0.46
C ASP D 107 -17.63 25.28 1.14
N THR D 108 -18.80 24.62 1.14
CA THR D 108 -18.91 23.31 1.76
C THR D 108 -18.16 22.26 0.96
N VAL D 109 -17.42 21.41 1.67
CA VAL D 109 -16.62 20.34 1.09
C VAL D 109 -17.44 19.06 1.02
N ILE D 110 -17.67 18.59 -0.21
CA ILE D 110 -18.42 17.36 -0.50
C ILE D 110 -17.48 16.27 -0.98
N VAL D 111 -17.62 15.06 -0.44
CA VAL D 111 -16.97 13.90 -1.04
C VAL D 111 -18.03 13.00 -1.71
N ASN D 112 -17.80 12.66 -2.97
CA ASN D 112 -18.65 11.75 -3.73
C ASN D 112 -18.15 10.32 -3.60
N VAL D 113 -18.85 9.50 -2.84
CA VAL D 113 -18.51 8.09 -2.64
C VAL D 113 -19.48 7.26 -3.43
N GLN D 114 -19.01 6.30 -4.22
CA GLN D 114 -19.91 5.45 -5.03
C GLN D 114 -20.66 4.51 -4.11
N GLY D 115 -21.82 4.05 -4.57
CA GLY D 115 -22.72 3.18 -3.78
C GLY D 115 -22.45 1.67 -3.89
N ASP D 116 -21.38 1.32 -4.58
CA ASP D 116 -20.99 -0.07 -4.75
C ASP D 116 -19.65 -0.34 -4.05
N GLU D 117 -19.36 0.44 -3.00
CA GLU D 117 -18.10 0.34 -2.25
C GLU D 117 -18.35 0.05 -0.75
N PRO D 118 -18.94 -1.12 -0.44
CA PRO D 118 -19.31 -1.47 0.93
C PRO D 118 -18.15 -1.64 1.87
N MET D 119 -16.94 -1.86 1.34
CA MET D 119 -15.76 -2.00 2.17
C MET D 119 -14.80 -0.81 2.03
N ILE D 120 -15.26 0.35 1.56
CA ILE D 120 -14.36 1.49 1.38
C ILE D 120 -13.80 1.98 2.72
N PRO D 121 -12.46 2.04 2.85
CA PRO D 121 -11.87 2.46 4.13
C PRO D 121 -12.21 3.90 4.47
N ALA D 122 -12.61 4.15 5.70
CA ALA D 122 -13.04 5.49 6.09
C ALA D 122 -11.89 6.51 5.95
N THR D 123 -10.65 6.05 6.16
CA THR D 123 -9.49 6.93 6.06
C THR D 123 -9.29 7.55 4.69
N ILE D 124 -9.65 6.87 3.60
CA ILE D 124 -9.46 7.47 2.28
C ILE D 124 -10.52 8.52 1.94
N ILE D 125 -11.71 8.39 2.51
CA ILE D 125 -12.75 9.41 2.38
C ILE D 125 -12.26 10.73 2.99
N ARG D 126 -11.66 10.63 4.16
CA ARG D 126 -11.15 11.79 4.87
C ARG D 126 -9.89 12.32 4.16
N GLN D 127 -9.11 11.42 3.57
CA GLN D 127 -7.94 11.81 2.82
C GLN D 127 -8.32 12.75 1.67
N VAL D 128 -9.28 12.34 0.86
CA VAL D 128 -9.76 13.15 -0.25
C VAL D 128 -10.28 14.49 0.23
N ALA D 129 -11.04 14.48 1.32
CA ALA D 129 -11.62 15.70 1.89
C ALA D 129 -10.52 16.69 2.30
N ASP D 130 -9.53 16.19 3.06
CA ASP D 130 -8.45 17.03 3.54
C ASP D 130 -7.65 17.57 2.35
N ASN D 131 -7.30 16.69 1.42
CA ASN D 131 -6.57 17.05 0.18
C ASN D 131 -7.21 18.19 -0.60
N LEU D 132 -8.53 18.17 -0.69
CA LEU D 132 -9.25 19.24 -1.37
C LEU D 132 -9.17 20.53 -0.53
N ALA D 133 -9.46 20.41 0.76
CA ALA D 133 -9.46 21.56 1.70
C ALA D 133 -8.16 22.35 1.68
N GLN D 134 -7.03 21.65 1.71
CA GLN D 134 -5.71 22.31 1.76
C GLN D 134 -5.13 22.71 0.40
N ARG D 135 -6.01 22.95 -0.57
CA ARG D 135 -5.65 23.37 -1.92
C ARG D 135 -6.82 24.19 -2.46
N GLN D 136 -6.55 24.97 -3.51
CA GLN D 136 -7.58 25.72 -4.23
C GLN D 136 -7.71 25.17 -5.65
N VAL D 137 -8.20 23.94 -5.75
CA VAL D 137 -8.31 23.23 -7.00
C VAL D 137 -9.81 22.95 -7.24
N GLY D 138 -10.16 22.59 -8.48
CA GLY D 138 -11.53 22.17 -8.78
C GLY D 138 -11.89 20.93 -7.97
N MET D 139 -10.99 19.95 -8.01
CA MET D 139 -11.34 18.59 -7.70
C MET D 139 -10.15 17.83 -7.10
N ALA D 140 -10.40 17.00 -6.08
CA ALA D 140 -9.38 16.07 -5.57
C ALA D 140 -9.87 14.65 -5.81
N THR D 141 -8.96 13.72 -6.03
CA THR D 141 -9.34 12.34 -6.27
C THR D 141 -8.19 11.43 -5.83
N LEU D 142 -8.25 10.16 -6.21
CA LEU D 142 -7.36 9.17 -5.65
C LEU D 142 -6.94 8.17 -6.73
N ALA D 143 -5.75 7.57 -6.58
CA ALA D 143 -5.25 6.55 -7.49
C ALA D 143 -4.57 5.42 -6.72
N VAL D 144 -4.36 4.30 -7.41
CA VAL D 144 -3.60 3.17 -6.87
C VAL D 144 -2.71 2.58 -7.95
N PRO D 145 -1.54 2.06 -7.56
CA PRO D 145 -0.61 1.50 -8.53
C PRO D 145 -1.13 0.24 -9.22
N ILE D 146 -0.78 0.08 -10.49
CA ILE D 146 -1.14 -1.08 -11.31
C ILE D 146 0.01 -2.05 -11.31
N HIS D 147 -0.29 -3.33 -11.14
CA HIS D 147 0.72 -4.39 -11.07
C HIS D 147 0.77 -5.30 -12.30
N ASN D 148 -0.35 -5.51 -12.98
CA ASN D 148 -0.40 -6.44 -14.14
C ASN D 148 -0.33 -5.68 -15.45
N ALA D 149 0.37 -6.26 -16.43
CA ALA D 149 0.34 -5.73 -17.80
C ALA D 149 -1.04 -5.91 -18.43
N GLU D 150 -1.81 -6.90 -17.97
CA GLU D 150 -3.18 -7.10 -18.43
C GLU D 150 -4.02 -5.90 -18.05
N GLU D 151 -3.88 -5.48 -16.78
CA GLU D 151 -4.59 -4.33 -16.26
C GLU D 151 -4.11 -3.01 -16.88
N ALA D 152 -2.80 -2.86 -17.05
CA ALA D 152 -2.25 -1.69 -17.71
C ALA D 152 -2.81 -1.48 -19.13
N PHE D 153 -3.04 -2.59 -19.82
CA PHE D 153 -3.55 -2.57 -21.20
C PHE D 153 -5.08 -2.73 -21.29
N ASN D 154 -5.75 -2.77 -20.14
CA ASN D 154 -7.20 -2.96 -20.05
C ASN D 154 -7.95 -1.62 -20.15
N PRO D 155 -8.67 -1.41 -21.26
CA PRO D 155 -9.39 -0.15 -21.48
C PRO D 155 -10.39 0.21 -20.40
N ASN D 156 -10.77 -0.72 -19.51
CA ASN D 156 -11.69 -0.42 -18.41
C ASN D 156 -10.99 0.02 -17.11
N ALA D 157 -9.67 0.11 -17.15
CA ALA D 157 -8.90 0.58 -16.01
C ALA D 157 -8.41 1.94 -16.44
N VAL D 158 -8.89 2.97 -15.78
CA VAL D 158 -8.53 4.32 -16.21
C VAL D 158 -7.16 4.66 -15.64
N LYS D 159 -6.22 4.99 -16.51
CA LYS D 159 -4.87 5.35 -16.10
C LYS D 159 -4.81 6.84 -15.89
N VAL D 160 -3.89 7.30 -15.05
CA VAL D 160 -3.65 8.72 -14.87
C VAL D 160 -2.16 8.96 -14.72
N VAL D 161 -1.66 10.02 -15.33
CA VAL D 161 -0.27 10.44 -15.13
C VAL D 161 -0.24 11.86 -14.49
N LEU D 162 0.67 12.04 -13.54
CA LEU D 162 0.72 13.25 -12.71
C LEU D 162 1.97 14.09 -12.95
N ASP D 163 1.87 15.34 -12.52
CA ASP D 163 3.00 16.27 -12.53
C ASP D 163 3.63 16.22 -11.16
N ALA D 164 4.69 17.00 -10.94
CA ALA D 164 5.48 16.89 -9.70
C ALA D 164 4.64 17.11 -8.44
N GLU D 165 3.64 17.97 -8.51
CA GLU D 165 2.80 18.23 -7.34
C GLU D 165 1.60 17.28 -7.25
N GLY D 166 1.53 16.32 -8.16
CA GLY D 166 0.47 15.29 -8.10
C GLY D 166 -0.83 15.67 -8.77
N TYR D 167 -0.84 16.75 -9.57
CA TYR D 167 -2.02 17.14 -10.32
C TYR D 167 -2.11 16.28 -11.59
N ALA D 168 -3.33 15.89 -12.00
CA ALA D 168 -3.46 15.03 -13.16
C ALA D 168 -3.03 15.83 -14.38
N LEU D 169 -2.15 15.26 -15.19
CA LEU D 169 -1.85 15.79 -16.53
C LEU D 169 -2.98 15.37 -17.48
N TYR D 170 -3.37 14.10 -17.38
CA TYR D 170 -4.36 13.50 -18.26
C TYR D 170 -4.85 12.18 -17.66
N PHE D 171 -6.10 11.83 -17.93
CA PHE D 171 -6.68 10.53 -17.59
C PHE D 171 -7.00 9.86 -18.91
N SER D 172 -6.84 8.54 -18.99
CA SER D 172 -7.07 7.85 -20.26
C SER D 172 -7.28 6.35 -20.12
N ARG D 173 -8.07 5.80 -21.02
CA ARG D 173 -8.20 4.36 -21.13
C ARG D 173 -6.99 3.76 -21.85
N ALA D 174 -6.23 4.59 -22.56
CA ALA D 174 -5.00 4.13 -23.20
C ALA D 174 -3.92 3.87 -22.16
N THR D 175 -2.89 3.15 -22.56
CA THR D 175 -1.85 2.72 -21.66
C THR D 175 -0.82 3.83 -21.46
N ILE D 176 -1.13 4.77 -20.57
CA ILE D 176 -0.24 5.90 -20.32
C ILE D 176 0.36 5.84 -18.91
N PRO D 177 1.62 6.26 -18.75
CA PRO D 177 2.53 6.74 -19.77
C PRO D 177 3.11 5.58 -20.56
N TRP D 178 3.38 5.78 -21.84
CA TRP D 178 3.91 4.73 -22.69
C TRP D 178 5.37 4.50 -22.37
N ASP D 179 5.71 3.27 -22.00
CA ASP D 179 7.09 2.87 -21.77
C ASP D 179 7.73 2.46 -23.10
N ARG D 180 8.19 3.47 -23.84
CA ARG D 180 8.74 3.27 -25.18
C ARG D 180 9.75 2.13 -25.31
N ASP D 181 10.79 2.13 -24.49
CA ASP D 181 11.85 1.14 -24.63
C ASP D 181 11.40 -0.28 -24.25
N ARG D 182 10.51 -0.37 -23.27
CA ARG D 182 9.97 -1.67 -22.85
C ARG D 182 8.94 -2.21 -23.87
N PHE D 183 8.00 -1.37 -24.31
CA PHE D 183 7.01 -1.80 -25.32
C PHE D 183 7.54 -1.97 -26.76
N ALA D 184 8.79 -1.56 -27.01
CA ALA D 184 9.45 -1.83 -28.30
C ALA D 184 9.73 -3.32 -28.43
N GLU D 185 10.21 -3.94 -27.34
CA GLU D 185 10.53 -5.37 -27.30
C GLU D 185 9.27 -6.24 -27.13
N GLY D 186 8.36 -5.80 -26.26
CA GLY D 186 7.09 -6.51 -26.06
C GLY D 186 6.06 -5.76 -25.23
N LEU D 187 4.80 -6.21 -25.34
CA LEU D 187 3.73 -5.72 -24.48
C LEU D 187 3.52 -6.71 -23.30
N GLU D 188 4.36 -7.73 -23.22
CA GLU D 188 4.23 -8.79 -22.21
C GLU D 188 4.33 -8.31 -20.76
N THR D 189 5.10 -7.24 -20.51
CA THR D 189 5.45 -6.85 -19.14
C THR D 189 5.31 -5.34 -18.86
N VAL D 190 5.48 -4.98 -17.59
CA VAL D 190 5.28 -3.63 -17.11
C VAL D 190 6.13 -3.34 -15.85
N GLY D 191 6.67 -2.12 -15.77
CA GLY D 191 7.39 -1.65 -14.57
C GLY D 191 6.45 -1.29 -13.42
N ASP D 192 6.92 -0.51 -12.45
CA ASP D 192 6.12 -0.17 -11.27
C ASP D 192 5.49 1.24 -11.30
N ASN D 193 5.44 1.88 -12.47
CA ASN D 193 5.04 3.30 -12.55
C ASN D 193 3.61 3.64 -12.99
N PHE D 194 2.79 2.65 -13.35
CA PHE D 194 1.43 2.93 -13.80
C PHE D 194 0.49 3.19 -12.64
N LEU D 195 -0.38 4.18 -12.80
CA LEU D 195 -1.40 4.52 -11.80
C LEU D 195 -2.81 4.30 -12.36
N ARG D 196 -3.68 3.71 -11.53
CA ARG D 196 -5.05 3.50 -11.87
C ARG D 196 -5.92 4.44 -11.07
N HIS D 197 -6.77 5.18 -11.78
CA HIS D 197 -7.64 6.14 -11.14
C HIS D 197 -8.78 5.47 -10.38
N LEU D 198 -9.06 5.97 -9.19
CA LEU D 198 -10.14 5.45 -8.32
C LEU D 198 -11.29 6.43 -8.36
N GLY D 199 -12.51 5.93 -8.46
CA GLY D 199 -13.67 6.80 -8.65
C GLY D 199 -14.27 7.38 -7.38
N ILE D 200 -13.47 8.13 -6.64
CA ILE D 200 -13.92 8.86 -5.48
C ILE D 200 -13.48 10.29 -5.74
N TYR D 201 -14.30 11.25 -5.36
CA TYR D 201 -14.02 12.65 -5.68
C TYR D 201 -14.38 13.60 -4.54
N GLY D 202 -13.59 14.65 -4.40
CA GLY D 202 -13.84 15.70 -3.43
C GLY D 202 -13.90 17.01 -4.15
N TYR D 203 -14.86 17.84 -3.79
CA TYR D 203 -14.95 19.18 -4.34
C TYR D 203 -15.83 20.07 -3.51
N ARG D 204 -15.90 21.34 -3.89
CA ARG D 204 -16.71 22.30 -3.16
C ARG D 204 -18.13 22.44 -3.76
N ALA D 205 -19.09 22.72 -2.90
CA ALA D 205 -20.47 22.84 -3.31
C ALA D 205 -20.57 23.89 -4.42
N GLY D 206 -19.92 25.03 -4.20
CA GLY D 206 -19.96 26.11 -5.17
C GLY D 206 -19.44 25.68 -6.52
N PHE D 207 -18.43 24.84 -6.56
CA PHE D 207 -17.83 24.39 -7.79
C PHE D 207 -18.73 23.36 -8.52
N ILE D 208 -19.24 22.38 -7.78
CA ILE D 208 -20.01 21.32 -8.40
C ILE D 208 -21.30 21.86 -9.03
N ARG D 209 -21.92 22.83 -8.41
CA ARG D 209 -23.20 23.27 -8.88
C ARG D 209 -23.09 24.14 -10.10
N ARG D 210 -21.89 24.54 -10.44
CA ARG D 210 -21.61 25.26 -11.67
C ARG D 210 -21.11 24.32 -12.76
N TYR D 211 -20.24 23.40 -12.36
CA TYR D 211 -19.64 22.41 -13.25
C TYR D 211 -20.63 21.54 -14.02
N VAL D 212 -21.75 21.21 -13.39
CA VAL D 212 -22.76 20.42 -14.03
C VAL D 212 -23.45 21.15 -15.16
N ASN D 213 -23.33 22.48 -15.20
CA ASN D 213 -23.87 23.29 -16.28
C ASN D 213 -22.87 23.72 -17.38
N TRP D 214 -21.60 23.36 -17.26
CA TRP D 214 -20.65 23.65 -18.35
C TRP D 214 -20.91 22.66 -19.47
N GLN D 215 -20.90 23.14 -20.71
CA GLN D 215 -21.01 22.23 -21.85
C GLN D 215 -19.89 21.21 -21.85
N PRO D 216 -20.22 19.96 -22.12
CA PRO D 216 -19.22 18.88 -22.14
C PRO D 216 -18.07 19.17 -23.11
N SER D 217 -16.86 18.75 -22.76
CA SER D 217 -15.79 18.76 -23.73
C SER D 217 -15.91 17.56 -24.65
N PRO D 218 -15.40 17.69 -25.88
CA PRO D 218 -15.48 16.56 -26.79
C PRO D 218 -14.64 15.38 -26.28
N LEU D 219 -13.64 15.67 -25.46
CA LEU D 219 -12.84 14.62 -24.84
C LEU D 219 -13.70 13.65 -24.06
N GLU D 220 -14.65 14.17 -23.29
CA GLU D 220 -15.53 13.32 -22.47
C GLU D 220 -16.08 12.18 -23.27
N HIS D 221 -16.69 12.48 -24.42
CA HIS D 221 -17.39 11.45 -25.19
C HIS D 221 -16.42 10.49 -25.86
N ILE D 222 -15.22 10.97 -26.22
CA ILE D 222 -14.23 10.13 -26.88
C ILE D 222 -13.66 9.10 -25.89
N GLU D 223 -13.21 9.57 -24.74
CA GLU D 223 -12.66 8.70 -23.72
C GLU D 223 -13.71 8.11 -22.76
N MET D 224 -14.96 8.58 -22.86
CA MET D 224 -16.01 8.20 -21.91
C MET D 224 -15.53 8.41 -20.46
N LEU D 225 -14.99 9.59 -20.16
CA LEU D 225 -14.54 9.99 -18.84
C LEU D 225 -14.97 11.42 -18.58
N GLU D 226 -15.96 11.58 -17.69
CA GLU D 226 -16.54 12.87 -17.40
C GLU D 226 -15.49 13.81 -16.78
N GLN D 227 -14.50 13.28 -16.05
CA GLN D 227 -13.60 14.15 -15.30
C GLN D 227 -12.65 14.96 -16.20
N LEU D 228 -12.51 14.56 -17.46
CA LEU D 228 -11.68 15.35 -18.37
C LEU D 228 -12.23 16.76 -18.58
N ARG D 229 -13.52 16.94 -18.28
CA ARG D 229 -14.12 18.26 -18.39
C ARG D 229 -13.33 19.30 -17.59
N VAL D 230 -12.92 18.93 -16.38
CA VAL D 230 -12.18 19.83 -15.53
C VAL D 230 -10.89 20.28 -16.22
N LEU D 231 -10.16 19.33 -16.81
CA LEU D 231 -8.89 19.65 -17.47
C LEU D 231 -9.17 20.45 -18.75
N TRP D 232 -10.20 20.06 -19.49
CA TRP D 232 -10.54 20.76 -20.72
C TRP D 232 -10.74 22.25 -20.48
N TYR D 233 -11.44 22.62 -19.42
CA TYR D 233 -11.62 24.04 -19.08
C TYR D 233 -10.47 24.68 -18.32
N GLY D 234 -9.33 24.05 -18.27
CA GLY D 234 -8.15 24.68 -17.67
C GLY D 234 -8.12 24.67 -16.15
N GLU D 235 -8.98 23.87 -15.53
CA GLU D 235 -8.94 23.72 -14.09
C GLU D 235 -8.10 22.49 -13.76
N LYS D 236 -7.85 22.30 -12.48
CA LYS D 236 -6.95 21.25 -12.02
C LYS D 236 -7.62 20.16 -11.14
N ILE D 237 -7.18 18.91 -11.30
CA ILE D 237 -7.55 17.81 -10.42
C ILE D 237 -6.33 17.27 -9.68
N HIS D 238 -6.35 17.32 -8.37
CA HIS D 238 -5.27 16.72 -7.59
C HIS D 238 -5.52 15.24 -7.32
N VAL D 239 -4.47 14.43 -7.42
CA VAL D 239 -4.53 13.00 -7.27
C VAL D 239 -3.52 12.54 -6.23
N ALA D 240 -4.00 11.94 -5.15
CA ALA D 240 -3.11 11.31 -4.16
C ALA D 240 -3.13 9.79 -4.34
N VAL D 241 -2.03 9.14 -3.97
CA VAL D 241 -1.98 7.68 -4.01
C VAL D 241 -2.63 7.17 -2.72
N ALA D 242 -3.71 6.40 -2.88
CA ALA D 242 -4.57 6.02 -1.77
C ALA D 242 -3.76 5.48 -0.60
N GLN D 243 -3.98 6.09 0.57
CA GLN D 243 -3.32 5.72 1.84
C GLN D 243 -3.50 4.24 2.20
N GLU D 244 -4.66 3.69 1.84
CA GLU D 244 -4.97 2.27 2.05
C GLU D 244 -5.60 1.75 0.75
N VAL D 245 -4.97 0.75 0.14
CA VAL D 245 -5.47 0.22 -1.14
C VAL D 245 -6.83 -0.42 -0.86
N PRO D 246 -7.88 0.09 -1.51
CA PRO D 246 -9.22 -0.46 -1.29
C PRO D 246 -9.52 -1.64 -2.22
N GLY D 247 -10.54 -2.44 -1.87
CA GLY D 247 -11.01 -3.54 -2.71
C GLY D 247 -11.93 -3.02 -3.81
N THR D 248 -12.21 -3.85 -4.80
CA THR D 248 -13.00 -3.42 -5.96
C THR D 248 -14.45 -3.14 -5.58
N GLY D 249 -15.10 -2.29 -6.38
CA GLY D 249 -16.54 -2.11 -6.29
C GLY D 249 -17.29 -3.35 -6.75
N VAL D 250 -18.45 -3.61 -6.15
CA VAL D 250 -19.28 -4.73 -6.54
C VAL D 250 -20.08 -4.38 -7.79
N ASP D 251 -19.65 -4.89 -8.94
CA ASP D 251 -20.30 -4.64 -10.22
C ASP D 251 -20.80 -5.92 -10.89
N THR D 252 -20.42 -7.07 -10.34
CA THR D 252 -20.83 -8.37 -10.87
C THR D 252 -21.20 -9.29 -9.70
N PRO D 253 -21.95 -10.37 -9.98
CA PRO D 253 -22.22 -11.41 -8.97
C PRO D 253 -20.98 -12.08 -8.35
N GLU D 254 -19.85 -12.07 -9.05
CA GLU D 254 -18.59 -12.59 -8.50
C GLU D 254 -18.07 -11.65 -7.42
N ASP D 255 -18.08 -10.36 -7.72
CA ASP D 255 -17.71 -9.34 -6.74
C ASP D 255 -18.58 -9.48 -5.49
N LEU D 256 -19.87 -9.76 -5.70
CA LEU D 256 -20.84 -9.89 -4.62
C LEU D 256 -20.58 -11.16 -3.80
N GLU D 257 -20.36 -12.28 -4.48
CA GLU D 257 -20.01 -13.54 -3.81
C GLU D 257 -18.70 -13.36 -3.04
N ARG D 258 -17.77 -12.60 -3.61
CA ARG D 258 -16.48 -12.32 -2.96
C ARG D 258 -16.66 -11.44 -1.72
N VAL D 259 -17.36 -10.32 -1.86
CA VAL D 259 -17.52 -9.36 -0.76
C VAL D 259 -18.25 -9.96 0.44
N ARG D 260 -19.31 -10.71 0.19
CA ARG D 260 -20.05 -11.38 1.26
C ARG D 260 -19.09 -12.12 2.20
N ALA D 261 -18.25 -12.99 1.63
CA ALA D 261 -17.24 -13.71 2.40
C ALA D 261 -16.32 -12.79 3.21
N GLU D 262 -15.93 -11.65 2.64
CA GLU D 262 -14.95 -10.76 3.28
C GLU D 262 -15.43 -10.04 4.56
N MET D 263 -16.71 -9.67 4.61
CA MET D 263 -17.20 -8.72 5.62
C MET D 263 -17.70 -9.40 6.90
#